data_7XRW
#
_entry.id   7XRW
#
_entity_poly.entity_id   1
_entity_poly.type   'polypeptide(L)'
_entity_poly.pdbx_seq_one_letter_code
;GPGSEATEEIAALDQPFEKCFIPTEALGSDREGLDRTQLERQLPFRNYPIKLNVSKSGIFCQFPTVSDAKRFYEEGTVEI
LNRSLPIKPVFEKRNETVAPAERKRRRSVSPGGVHPQTAAVSALSRR
;
_entity_poly.pdbx_strand_id   A
#
# COMPACT_ATOMS: atom_id res chain seq x y z
N GLY A 1 0.22 8.79 -4.76
CA GLY A 1 -0.87 7.87 -5.18
C GLY A 1 -2.18 8.53 -4.95
N PRO A 2 -3.23 7.79 -5.25
CA PRO A 2 -4.59 8.28 -5.09
C PRO A 2 -5.01 8.37 -3.65
N GLY A 3 -5.90 9.32 -3.34
CA GLY A 3 -6.36 9.47 -1.98
C GLY A 3 -7.23 10.68 -1.94
N SER A 4 -7.65 11.09 -0.73
CA SER A 4 -8.48 12.25 -0.59
C SER A 4 -7.85 13.13 0.44
N GLU A 5 -8.07 14.46 0.31
CA GLU A 5 -7.49 15.39 1.25
C GLU A 5 -8.51 15.64 2.31
N ALA A 6 -8.11 15.43 3.57
CA ALA A 6 -8.99 15.63 4.69
C ALA A 6 -8.30 16.61 5.58
N THR A 7 -9.03 17.13 6.59
CA THR A 7 -8.42 18.08 7.50
C THR A 7 -7.49 17.30 8.38
N GLU A 8 -6.18 17.33 8.04
CA GLU A 8 -5.19 16.61 8.81
C GLU A 8 -5.03 17.27 10.13
N GLU A 9 -5.33 18.59 10.21
CA GLU A 9 -5.20 19.32 11.45
C GLU A 9 -6.17 18.78 12.47
N ILE A 10 -7.32 18.23 12.01
CA ILE A 10 -8.33 17.74 12.92
C ILE A 10 -7.81 16.55 13.70
N ALA A 11 -6.92 15.72 13.10
CA ALA A 11 -6.43 14.57 13.81
C ALA A 11 -5.41 13.88 12.94
N ALA A 12 -4.23 14.51 12.80
CA ALA A 12 -3.18 13.94 11.98
C ALA A 12 -2.70 12.65 12.58
N LEU A 13 -2.61 12.59 13.93
CA LEU A 13 -2.12 11.40 14.60
C LEU A 13 -3.05 10.24 14.35
N ASP A 14 -4.38 10.49 14.34
CA ASP A 14 -5.33 9.41 14.16
C ASP A 14 -5.15 8.75 12.82
N GLN A 15 -4.85 9.52 11.75
CA GLN A 15 -4.71 8.96 10.42
C GLN A 15 -5.95 8.16 10.08
N PRO A 16 -7.04 8.85 9.84
CA PRO A 16 -8.31 8.20 9.51
C PRO A 16 -8.22 7.32 8.28
N PHE A 17 -8.91 6.17 8.32
CA PHE A 17 -8.89 5.27 7.19
C PHE A 17 -9.83 5.78 6.14
N GLU A 18 -9.37 5.74 4.88
CA GLU A 18 -10.19 6.20 3.79
C GLU A 18 -10.14 5.15 2.70
N LYS A 19 -8.96 4.53 2.51
CA LYS A 19 -8.81 3.53 1.50
C LYS A 19 -7.83 2.52 2.04
N CYS A 20 -8.01 1.23 1.71
CA CYS A 20 -7.14 0.21 2.23
C CYS A 20 -6.55 -0.55 1.08
N PHE A 21 -5.43 -1.25 1.35
CA PHE A 21 -4.75 -2.00 0.35
C PHE A 21 -4.45 -3.36 0.93
N ILE A 22 -4.64 -4.43 0.10
CA ILE A 22 -4.38 -5.78 0.54
C ILE A 22 -3.15 -6.25 -0.20
N PRO A 23 -2.02 -6.30 0.49
CA PRO A 23 -0.76 -6.73 -0.11
C PRO A 23 -0.74 -8.15 -0.57
N THR A 24 0.09 -8.41 -1.60
CA THR A 24 0.21 -9.76 -2.13
C THR A 24 1.69 -10.05 -2.17
N GLU A 25 2.06 -11.34 -1.97
CA GLU A 25 3.46 -11.69 -2.00
C GLU A 25 3.57 -13.18 -1.88
N ALA A 26 3.16 -13.73 -0.72
CA ALA A 26 3.26 -15.16 -0.48
C ALA A 26 2.04 -15.84 -1.04
N LEU A 27 1.13 -15.07 -1.67
CA LEU A 27 -0.07 -15.63 -2.24
C LEU A 27 0.31 -16.59 -3.34
N GLY A 28 1.36 -16.24 -4.12
CA GLY A 28 1.80 -17.10 -5.19
C GLY A 28 1.27 -16.59 -6.48
N SER A 29 1.24 -17.45 -7.51
CA SER A 29 0.76 -17.05 -8.82
C SER A 29 -0.73 -16.86 -8.77
N ASP A 30 -1.36 -17.36 -7.69
CA ASP A 30 -2.79 -17.24 -7.53
C ASP A 30 -3.14 -15.78 -7.36
N ARG A 31 -2.16 -14.93 -6.97
CA ARG A 31 -2.43 -13.52 -6.77
C ARG A 31 -2.67 -12.89 -8.12
N GLU A 32 -2.23 -13.55 -9.21
CA GLU A 32 -2.41 -13.01 -10.52
C GLU A 32 -3.66 -13.63 -11.09
N GLY A 33 -4.81 -12.98 -10.86
CA GLY A 33 -6.06 -13.48 -11.35
C GLY A 33 -7.13 -12.70 -10.67
N LEU A 34 -7.71 -13.30 -9.60
CA LEU A 34 -8.75 -12.65 -8.85
C LEU A 34 -9.96 -12.47 -9.71
N ASP A 35 -10.84 -13.50 -9.76
CA ASP A 35 -12.03 -13.42 -10.55
C ASP A 35 -12.99 -12.55 -9.77
N ARG A 36 -13.48 -11.47 -10.39
CA ARG A 36 -14.35 -10.53 -9.69
C ARG A 36 -15.62 -11.21 -9.24
N THR A 37 -16.22 -12.07 -10.08
CA THR A 37 -17.46 -12.71 -9.70
C THR A 37 -17.24 -13.59 -8.49
N GLN A 38 -16.16 -14.40 -8.50
CA GLN A 38 -15.88 -15.27 -7.39
C GLN A 38 -15.47 -14.46 -6.19
N LEU A 39 -14.71 -13.38 -6.44
CA LEU A 39 -14.23 -12.53 -5.37
C LEU A 39 -15.41 -11.94 -4.63
N GLU A 40 -16.48 -11.57 -5.36
CA GLU A 40 -17.65 -11.02 -4.71
C GLU A 40 -18.25 -12.05 -3.79
N ARG A 41 -18.27 -13.34 -4.22
CA ARG A 41 -18.84 -14.38 -3.39
C ARG A 41 -17.68 -15.16 -2.84
N GLN A 42 -16.95 -14.55 -1.89
CA GLN A 42 -15.78 -15.17 -1.34
C GLN A 42 -15.70 -14.90 0.14
N LEU A 43 -14.46 -15.07 0.67
CA LEU A 43 -14.08 -14.84 2.06
C LEU A 43 -14.56 -13.47 2.51
N PRO A 44 -14.23 -13.06 3.75
CA PRO A 44 -14.64 -11.76 4.25
C PRO A 44 -14.37 -10.66 3.28
N PHE A 45 -15.43 -9.89 3.01
CA PHE A 45 -15.39 -8.81 2.05
C PHE A 45 -16.83 -8.46 1.85
N ARG A 46 -17.69 -9.50 2.02
CA ARG A 46 -19.10 -9.34 1.85
C ARG A 46 -19.69 -8.82 3.13
N ASN A 47 -18.89 -8.89 4.23
CA ASN A 47 -19.37 -8.46 5.54
C ASN A 47 -19.71 -6.99 5.50
N TYR A 48 -18.89 -6.17 4.81
CA TYR A 48 -19.15 -4.75 4.75
C TYR A 48 -19.00 -4.36 3.32
N PRO A 49 -19.69 -3.32 2.90
CA PRO A 49 -19.57 -2.83 1.54
C PRO A 49 -18.15 -2.49 1.25
N ILE A 50 -17.63 -2.95 0.10
CA ILE A 50 -16.25 -2.68 -0.19
C ILE A 50 -16.06 -2.68 -1.68
N LYS A 51 -15.23 -1.73 -2.16
CA LYS A 51 -14.94 -1.65 -3.56
C LYS A 51 -13.71 -2.50 -3.75
N LEU A 52 -13.80 -3.53 -4.62
CA LEU A 52 -12.67 -4.37 -4.84
C LEU A 52 -12.25 -4.18 -6.26
N ASN A 53 -10.95 -3.90 -6.47
CA ASN A 53 -10.44 -3.71 -7.79
C ASN A 53 -9.20 -4.54 -7.89
N VAL A 54 -9.08 -5.32 -8.99
CA VAL A 54 -7.93 -6.17 -9.17
C VAL A 54 -6.77 -5.31 -9.58
N SER A 55 -5.56 -5.70 -9.13
CA SER A 55 -4.38 -4.95 -9.45
C SER A 55 -3.23 -5.91 -9.34
N LYS A 56 -2.15 -5.65 -10.11
CA LYS A 56 -1.00 -6.52 -10.06
C LYS A 56 -0.33 -6.36 -8.73
N SER A 57 -0.62 -5.24 -8.01
CA SER A 57 0.00 -5.00 -6.73
C SER A 57 -0.80 -5.71 -5.67
N GLY A 58 -2.07 -6.03 -5.94
CA GLY A 58 -2.88 -6.70 -4.94
C GLY A 58 -4.30 -6.34 -5.17
N ILE A 59 -5.07 -6.19 -4.07
CA ILE A 59 -6.47 -5.86 -4.20
C ILE A 59 -6.68 -4.51 -3.57
N PHE A 60 -7.32 -3.58 -4.32
CA PHE A 60 -7.58 -2.28 -3.78
C PHE A 60 -8.86 -2.38 -3.02
N CYS A 61 -8.93 -1.73 -1.83
CA CYS A 61 -10.13 -1.77 -1.04
C CYS A 61 -10.52 -0.35 -0.75
N GLN A 62 -11.69 0.08 -1.26
CA GLN A 62 -12.15 1.43 -1.00
C GLN A 62 -13.50 1.31 -0.37
N PHE A 63 -13.72 2.07 0.73
CA PHE A 63 -14.98 2.01 1.43
C PHE A 63 -15.66 3.33 1.27
N PRO A 64 -16.98 3.30 1.27
CA PRO A 64 -17.77 4.51 1.14
C PRO A 64 -17.75 5.38 2.35
N THR A 65 -17.49 4.79 3.54
CA THR A 65 -17.46 5.58 4.75
C THR A 65 -16.22 5.22 5.52
N VAL A 66 -15.78 6.16 6.38
CA VAL A 66 -14.59 5.96 7.19
C VAL A 66 -14.89 4.91 8.23
N SER A 67 -16.12 4.94 8.81
CA SER A 67 -16.46 4.01 9.86
C SER A 67 -16.39 2.60 9.34
N ASP A 68 -16.88 2.35 8.11
CA ASP A 68 -16.84 1.00 7.56
C ASP A 68 -15.41 0.57 7.41
N ALA A 69 -14.54 1.50 6.95
CA ALA A 69 -13.15 1.18 6.74
C ALA A 69 -12.51 0.85 8.07
N LYS A 70 -12.86 1.61 9.13
CA LYS A 70 -12.28 1.37 10.44
C LYS A 70 -12.73 0.04 10.98
N ARG A 71 -14.03 -0.28 10.84
CA ARG A 71 -14.51 -1.55 11.36
C ARG A 71 -13.85 -2.68 10.62
N PHE A 72 -13.70 -2.53 9.29
CA PHE A 72 -13.09 -3.56 8.48
C PHE A 72 -11.63 -3.69 8.88
N TYR A 73 -10.95 -2.56 9.11
CA TYR A 73 -9.56 -2.62 9.49
C TYR A 73 -9.40 -3.27 10.85
N GLU A 74 -10.16 -2.80 11.85
CA GLU A 74 -10.00 -3.29 13.20
C GLU A 74 -10.53 -4.70 13.35
N GLU A 75 -11.68 -5.03 12.72
CA GLU A 75 -12.24 -6.36 12.90
C GLU A 75 -12.73 -6.88 11.58
N GLY A 76 -11.88 -6.83 10.55
CA GLY A 76 -12.28 -7.32 9.25
C GLY A 76 -11.15 -8.09 8.66
N THR A 77 -10.41 -8.84 9.51
CA THR A 77 -9.30 -9.62 9.00
C THR A 77 -9.86 -10.59 8.01
N VAL A 78 -9.06 -10.93 6.98
CA VAL A 78 -9.55 -11.82 5.96
C VAL A 78 -8.57 -12.95 5.83
N GLU A 79 -9.05 -14.10 5.33
CA GLU A 79 -8.20 -15.25 5.14
C GLU A 79 -8.34 -15.61 3.70
N ILE A 80 -7.28 -15.39 2.90
CA ILE A 80 -7.37 -15.67 1.50
C ILE A 80 -6.22 -16.59 1.17
N LEU A 81 -6.55 -17.72 0.50
CA LEU A 81 -5.56 -18.72 0.13
C LEU A 81 -5.03 -19.36 1.38
N ASN A 82 -5.91 -19.53 2.40
CA ASN A 82 -5.52 -20.14 3.65
C ASN A 82 -4.40 -19.35 4.27
N ARG A 83 -4.46 -18.01 4.12
CA ARG A 83 -3.44 -17.16 4.67
C ARG A 83 -4.14 -15.95 5.21
N SER A 84 -3.85 -15.57 6.47
CA SER A 84 -4.49 -14.41 7.05
C SER A 84 -3.84 -13.20 6.46
N LEU A 85 -4.65 -12.26 5.95
CA LEU A 85 -4.11 -11.06 5.35
C LEU A 85 -4.64 -9.89 6.13
N PRO A 86 -3.74 -9.04 6.57
CA PRO A 86 -4.10 -7.85 7.32
C PRO A 86 -4.55 -6.72 6.45
N ILE A 87 -5.16 -5.69 7.08
CA ILE A 87 -5.65 -4.56 6.33
C ILE A 87 -4.62 -3.48 6.48
N LYS A 88 -4.05 -3.03 5.33
CA LYS A 88 -3.03 -2.01 5.36
C LYS A 88 -3.57 -0.78 4.69
N PRO A 89 -3.61 0.32 5.43
CA PRO A 89 -4.09 1.59 4.88
C PRO A 89 -3.11 2.20 3.92
N VAL A 90 -3.61 3.06 3.00
CA VAL A 90 -2.73 3.69 2.04
C VAL A 90 -2.41 5.07 2.54
N PHE A 91 -1.24 5.23 3.20
CA PHE A 91 -0.84 6.51 3.71
C PHE A 91 0.54 6.77 3.20
N GLU A 92 0.87 8.06 2.98
CA GLU A 92 2.18 8.41 2.48
C GLU A 92 2.79 9.39 3.43
N LYS A 93 4.13 9.38 3.51
CA LYS A 93 4.81 10.28 4.40
C LYS A 93 6.07 10.72 3.71
N ARG A 94 6.37 12.03 3.77
CA ARG A 94 7.56 12.53 3.13
C ARG A 94 8.64 12.56 4.17
N ASN A 95 9.78 11.89 3.87
CA ASN A 95 10.87 11.84 4.81
C ASN A 95 11.99 12.65 4.22
N GLU A 96 12.74 13.36 5.10
CA GLU A 96 13.84 14.17 4.64
C GLU A 96 15.10 13.37 4.86
N THR A 97 15.94 13.27 3.81
CA THR A 97 17.17 12.53 3.94
C THR A 97 18.17 13.16 3.01
N VAL A 98 19.46 12.88 3.23
CA VAL A 98 20.49 13.46 2.39
C VAL A 98 21.52 12.40 2.17
N ALA A 99 22.10 12.35 0.94
CA ALA A 99 23.10 11.37 0.62
C ALA A 99 24.29 12.10 0.06
N PRO A 100 25.23 12.45 0.93
CA PRO A 100 26.44 13.15 0.51
C PRO A 100 27.25 12.39 -0.49
N ALA A 101 27.85 13.12 -1.46
CA ALA A 101 28.65 12.49 -2.48
C ALA A 101 29.95 12.07 -1.85
N GLU A 102 30.50 10.93 -2.32
CA GLU A 102 31.75 10.43 -1.79
C GLU A 102 32.62 10.10 -2.96
N ARG A 103 33.95 10.23 -2.79
CA ARG A 103 34.87 9.93 -3.86
C ARG A 103 35.92 9.01 -3.30
N LYS A 104 36.48 8.14 -4.17
CA LYS A 104 37.50 7.22 -3.74
C LYS A 104 38.65 7.36 -4.69
N ARG A 105 39.88 7.10 -4.17
CA ARG A 105 41.06 7.21 -5.00
C ARG A 105 41.84 5.94 -4.82
N ARG A 106 42.63 5.58 -5.86
CA ARG A 106 43.41 4.38 -5.80
C ARG A 106 44.82 4.74 -6.18
N ARG A 107 45.81 4.01 -5.63
CA ARG A 107 47.19 4.29 -5.93
C ARG A 107 47.50 3.70 -7.28
N SER A 108 48.41 4.37 -8.03
CA SER A 108 48.78 3.88 -9.33
C SER A 108 50.27 3.84 -9.37
N VAL A 109 50.83 2.91 -10.19
CA VAL A 109 52.28 2.80 -10.29
C VAL A 109 52.62 2.81 -11.74
N SER A 110 53.89 3.16 -12.05
CA SER A 110 54.33 3.21 -13.43
C SER A 110 54.68 1.80 -13.84
N PRO A 111 54.17 1.37 -14.97
CA PRO A 111 54.43 0.02 -15.48
C PRO A 111 55.84 -0.15 -15.98
N GLY A 112 56.52 0.96 -16.34
CA GLY A 112 57.88 0.87 -16.82
C GLY A 112 57.82 0.72 -18.31
N GLY A 113 58.96 0.40 -18.93
CA GLY A 113 59.00 0.24 -20.35
C GLY A 113 60.39 -0.19 -20.73
N VAL A 114 60.63 -0.39 -22.03
CA VAL A 114 61.93 -0.80 -22.50
C VAL A 114 62.38 0.21 -23.50
N HIS A 115 63.60 0.76 -23.31
CA HIS A 115 64.12 1.74 -24.23
C HIS A 115 64.66 1.02 -25.43
N PRO A 116 64.59 1.66 -26.58
CA PRO A 116 65.06 1.08 -27.82
C PRO A 116 66.56 1.02 -27.90
N GLN A 117 67.09 0.09 -28.71
CA GLN A 117 68.52 -0.06 -28.85
C GLN A 117 68.86 0.23 -30.27
N THR A 118 70.05 0.81 -30.50
CA THR A 118 70.47 1.14 -31.84
C THR A 118 71.47 0.11 -32.30
N ALA A 119 71.70 -0.92 -31.47
CA ALA A 119 72.65 -1.95 -31.85
C ALA A 119 72.19 -3.22 -31.22
N ALA A 120 72.56 -4.37 -31.81
CA ALA A 120 72.17 -5.63 -31.28
C ALA A 120 73.23 -6.62 -31.66
N VAL A 121 73.34 -7.72 -30.89
CA VAL A 121 74.33 -8.73 -31.18
C VAL A 121 73.64 -10.05 -31.13
N SER A 122 74.25 -11.07 -31.76
CA SER A 122 73.65 -12.38 -31.77
C SER A 122 74.76 -13.38 -31.92
N ALA A 123 74.48 -14.65 -31.57
CA ALA A 123 75.49 -15.68 -31.67
C ALA A 123 75.26 -16.40 -32.96
N LEU A 124 76.37 -16.71 -33.68
CA LEU A 124 76.26 -17.41 -34.94
C LEU A 124 76.72 -18.81 -34.70
N SER A 125 75.84 -19.79 -35.05
CA SER A 125 76.20 -21.17 -34.86
C SER A 125 75.49 -21.94 -35.93
N ARG A 126 76.12 -23.01 -36.43
CA ARG A 126 75.52 -23.81 -37.47
C ARG A 126 75.76 -25.25 -37.10
N ARG A 127 74.69 -26.07 -37.15
CA ARG A 127 74.83 -27.46 -36.83
C ARG A 127 73.90 -28.25 -37.76
N GLY A 1 -5.27 16.70 1.68
CA GLY A 1 -5.14 17.15 0.27
C GLY A 1 -4.65 16.03 -0.58
N PRO A 2 -4.33 16.37 -1.81
CA PRO A 2 -3.80 15.41 -2.78
C PRO A 2 -2.54 14.75 -2.31
N GLY A 3 -1.66 15.51 -1.65
CA GLY A 3 -0.42 14.97 -1.16
C GLY A 3 -0.63 14.58 0.27
N SER A 4 0.48 14.28 0.98
CA SER A 4 0.37 13.88 2.37
C SER A 4 0.35 15.14 3.20
N GLU A 5 -0.70 15.96 3.03
CA GLU A 5 -0.80 17.18 3.77
C GLU A 5 -2.27 17.42 4.00
N ALA A 6 -2.62 17.75 5.26
CA ALA A 6 -4.00 18.01 5.59
C ALA A 6 -3.96 18.93 6.75
N THR A 7 -5.15 19.33 7.27
CA THR A 7 -5.18 20.22 8.40
C THR A 7 -4.51 19.48 9.54
N GLU A 8 -3.44 20.08 10.10
CA GLU A 8 -2.73 19.42 11.17
C GLU A 8 -3.31 19.87 12.48
N GLU A 9 -4.04 21.01 12.47
CA GLU A 9 -4.64 21.52 13.67
C GLU A 9 -5.71 20.56 14.13
N ILE A 10 -6.41 19.96 13.14
CA ILE A 10 -7.46 19.02 13.42
C ILE A 10 -6.88 17.77 14.03
N ALA A 11 -5.52 17.66 14.00
CA ALA A 11 -4.81 16.52 14.55
C ALA A 11 -4.66 15.51 13.45
N ALA A 12 -3.70 15.78 12.53
CA ALA A 12 -3.47 14.88 11.43
C ALA A 12 -2.66 13.71 11.93
N LEU A 13 -2.20 13.79 13.19
CA LEU A 13 -1.41 12.71 13.77
C LEU A 13 -2.29 11.50 13.93
N ASP A 14 -3.63 11.72 13.93
CA ASP A 14 -4.57 10.63 14.08
C ASP A 14 -4.42 9.70 12.90
N GLN A 15 -4.15 10.25 11.69
CA GLN A 15 -4.01 9.46 10.49
C GLN A 15 -5.24 8.60 10.30
N PRO A 16 -6.37 9.24 10.04
CA PRO A 16 -7.63 8.55 9.84
C PRO A 16 -7.65 7.63 8.65
N PHE A 17 -8.42 6.52 8.75
CA PHE A 17 -8.51 5.59 7.65
C PHE A 17 -9.40 6.18 6.61
N GLU A 18 -9.09 5.88 5.34
CA GLU A 18 -9.87 6.37 4.24
C GLU A 18 -9.88 5.29 3.19
N LYS A 19 -8.68 4.71 2.94
CA LYS A 19 -8.56 3.68 1.95
C LYS A 19 -7.70 2.62 2.56
N CYS A 20 -7.84 1.36 2.08
CA CYS A 20 -7.06 0.27 2.62
C CYS A 20 -6.42 -0.43 1.47
N PHE A 21 -5.33 -1.16 1.75
CA PHE A 21 -4.62 -1.87 0.72
C PHE A 21 -4.25 -3.22 1.25
N ILE A 22 -4.62 -4.30 0.51
CA ILE A 22 -4.29 -5.64 0.93
C ILE A 22 -3.31 -6.17 -0.10
N PRO A 23 -2.06 -6.29 0.30
CA PRO A 23 -1.00 -6.76 -0.61
C PRO A 23 -1.00 -8.24 -0.84
N THR A 24 -0.32 -8.64 -1.94
CA THR A 24 -0.20 -10.04 -2.27
C THR A 24 1.27 -10.30 -2.31
N GLU A 25 1.68 -11.54 -1.93
CA GLU A 25 3.09 -11.83 -1.95
C GLU A 25 3.27 -13.31 -2.00
N ALA A 26 3.06 -13.87 -3.21
CA ALA A 26 3.23 -15.28 -3.44
C ALA A 26 2.16 -16.01 -2.69
N LEU A 27 0.89 -15.70 -3.00
CA LEU A 27 -0.22 -16.34 -2.35
C LEU A 27 -0.49 -17.64 -3.06
N GLY A 28 0.55 -18.46 -3.24
CA GLY A 28 0.40 -19.74 -3.89
C GLY A 28 0.37 -19.53 -5.36
N SER A 29 0.77 -18.31 -5.82
CA SER A 29 0.78 -17.98 -7.24
C SER A 29 -0.64 -17.89 -7.74
N ASP A 30 -1.61 -17.90 -6.82
CA ASP A 30 -2.99 -17.81 -7.21
C ASP A 30 -3.40 -16.37 -7.08
N ARG A 31 -2.45 -15.50 -6.70
CA ARG A 31 -2.73 -14.10 -6.53
C ARG A 31 -2.96 -13.48 -7.90
N GLU A 32 -2.42 -14.13 -8.95
CA GLU A 32 -2.59 -13.62 -10.30
C GLU A 32 -3.82 -14.25 -10.89
N GLY A 33 -4.60 -14.99 -10.07
CA GLY A 33 -5.79 -15.64 -10.56
C GLY A 33 -6.90 -15.17 -9.70
N LEU A 34 -6.83 -13.90 -9.28
CA LEU A 34 -7.83 -13.34 -8.43
C LEU A 34 -8.98 -12.91 -9.29
N ASP A 35 -10.13 -13.59 -9.11
CA ASP A 35 -11.31 -13.29 -9.90
C ASP A 35 -12.10 -12.30 -9.09
N ARG A 36 -12.26 -11.07 -9.63
CA ARG A 36 -12.97 -10.02 -8.93
C ARG A 36 -14.40 -10.41 -8.66
N THR A 37 -15.09 -11.03 -9.66
CA THR A 37 -16.49 -11.38 -9.47
C THR A 37 -16.61 -12.37 -8.33
N GLN A 38 -15.75 -13.41 -8.31
CA GLN A 38 -15.81 -14.39 -7.26
C GLN A 38 -15.41 -13.75 -5.96
N LEU A 39 -14.42 -12.83 -6.01
CA LEU A 39 -13.94 -12.17 -4.82
C LEU A 39 -15.08 -11.38 -4.20
N GLU A 40 -15.93 -10.75 -5.04
CA GLU A 40 -17.04 -9.98 -4.52
C GLU A 40 -17.96 -10.90 -3.75
N ARG A 41 -18.16 -12.15 -4.25
CA ARG A 41 -19.03 -13.09 -3.57
C ARG A 41 -18.14 -14.07 -2.87
N GLN A 42 -17.44 -13.62 -1.81
CA GLN A 42 -16.53 -14.48 -1.12
C GLN A 42 -16.51 -14.15 0.37
N LEU A 43 -15.42 -14.60 1.02
CA LEU A 43 -15.15 -14.41 2.44
C LEU A 43 -15.23 -12.92 2.77
N PRO A 44 -15.15 -12.56 4.06
CA PRO A 44 -15.20 -11.19 4.53
C PRO A 44 -14.80 -10.16 3.53
N PHE A 45 -15.82 -9.52 2.98
CA PHE A 45 -15.67 -8.51 1.96
C PHE A 45 -17.09 -8.12 1.67
N ARG A 46 -18.00 -9.11 1.82
CA ARG A 46 -19.40 -8.90 1.60
C ARG A 46 -19.98 -8.33 2.87
N ASN A 47 -19.21 -8.45 3.98
CA ASN A 47 -19.66 -7.99 5.27
C ASN A 47 -19.89 -6.50 5.24
N TYR A 48 -18.99 -5.76 4.55
CA TYR A 48 -19.14 -4.32 4.48
C TYR A 48 -18.90 -3.95 3.05
N PRO A 49 -19.54 -2.89 2.59
CA PRO A 49 -19.33 -2.43 1.23
C PRO A 49 -17.89 -2.13 1.00
N ILE A 50 -17.33 -2.62 -0.12
CA ILE A 50 -15.94 -2.39 -0.35
C ILE A 50 -15.68 -2.40 -1.83
N LYS A 51 -14.80 -1.48 -2.27
CA LYS A 51 -14.42 -1.40 -3.65
C LYS A 51 -13.25 -2.30 -3.79
N LEU A 52 -13.32 -3.29 -4.70
CA LEU A 52 -12.22 -4.20 -4.85
C LEU A 52 -11.67 -4.01 -6.24
N ASN A 53 -10.35 -3.76 -6.33
CA ASN A 53 -9.73 -3.58 -7.61
C ASN A 53 -8.48 -4.41 -7.56
N VAL A 54 -8.42 -5.46 -8.41
CA VAL A 54 -7.26 -6.33 -8.41
C VAL A 54 -6.18 -5.68 -9.22
N SER A 55 -4.93 -5.87 -8.77
CA SER A 55 -3.80 -5.30 -9.46
C SER A 55 -2.61 -6.13 -9.09
N LYS A 56 -1.49 -5.93 -9.80
CA LYS A 56 -0.28 -6.69 -9.52
C LYS A 56 0.21 -6.33 -8.14
N SER A 57 0.09 -5.04 -7.75
CA SER A 57 0.55 -4.60 -6.45
C SER A 57 -0.24 -5.29 -5.37
N GLY A 58 -1.55 -5.42 -5.56
CA GLY A 58 -2.37 -6.07 -4.57
C GLY A 58 -3.79 -5.75 -4.87
N ILE A 59 -4.65 -5.76 -3.83
CA ILE A 59 -6.04 -5.47 -4.05
C ILE A 59 -6.33 -4.18 -3.36
N PHE A 60 -6.87 -3.19 -4.11
CA PHE A 60 -7.19 -1.91 -3.54
C PHE A 60 -8.50 -2.06 -2.84
N CYS A 61 -8.64 -1.44 -1.65
CA CYS A 61 -9.87 -1.52 -0.92
C CYS A 61 -10.31 -0.13 -0.62
N GLN A 62 -11.52 0.24 -1.10
CA GLN A 62 -12.04 1.56 -0.86
C GLN A 62 -13.35 1.38 -0.14
N PHE A 63 -13.64 2.27 0.83
CA PHE A 63 -14.87 2.16 1.58
C PHE A 63 -15.57 3.48 1.47
N PRO A 64 -16.89 3.44 1.51
CA PRO A 64 -17.69 4.65 1.42
C PRO A 64 -17.62 5.51 2.65
N THR A 65 -17.32 4.90 3.82
CA THR A 65 -17.24 5.67 5.04
C THR A 65 -15.99 5.27 5.76
N VAL A 66 -15.50 6.19 6.63
CA VAL A 66 -14.30 5.94 7.39
C VAL A 66 -14.59 4.84 8.39
N SER A 67 -15.80 4.87 8.99
CA SER A 67 -16.15 3.88 10.00
C SER A 67 -16.10 2.50 9.41
N ASP A 68 -16.61 2.32 8.16
CA ASP A 68 -16.60 1.00 7.56
C ASP A 68 -15.17 0.56 7.36
N ALA A 69 -14.29 1.50 6.95
CA ALA A 69 -12.89 1.16 6.72
C ALA A 69 -12.26 0.75 8.02
N LYS A 70 -12.58 1.47 9.12
CA LYS A 70 -12.00 1.17 10.41
C LYS A 70 -12.51 -0.15 10.91
N ARG A 71 -13.83 -0.41 10.79
CA ARG A 71 -14.38 -1.66 11.29
C ARG A 71 -13.77 -2.80 10.51
N PHE A 72 -13.67 -2.65 9.17
CA PHE A 72 -13.11 -3.71 8.35
C PHE A 72 -11.67 -3.90 8.73
N TYR A 73 -10.91 -2.81 8.90
CA TYR A 73 -9.51 -2.90 9.23
C TYR A 73 -9.32 -3.63 10.55
N GLU A 74 -10.07 -3.23 11.59
CA GLU A 74 -9.89 -3.81 12.90
C GLU A 74 -10.33 -5.25 12.92
N GLU A 75 -11.45 -5.58 12.25
CA GLU A 75 -11.91 -6.95 12.25
C GLU A 75 -12.12 -7.39 10.83
N GLY A 76 -11.01 -7.48 10.06
CA GLY A 76 -11.13 -7.88 8.68
C GLY A 76 -10.06 -8.87 8.37
N THR A 77 -9.71 -9.75 9.33
CA THR A 77 -8.70 -10.74 9.06
C THR A 77 -9.31 -11.66 8.05
N VAL A 78 -8.64 -11.81 6.87
CA VAL A 78 -9.21 -12.64 5.83
C VAL A 78 -8.21 -13.66 5.41
N GLU A 79 -8.73 -14.83 4.97
CA GLU A 79 -7.89 -15.89 4.47
C GLU A 79 -8.31 -16.00 3.05
N ILE A 80 -7.71 -15.12 2.20
CA ILE A 80 -8.13 -15.04 0.82
C ILE A 80 -7.64 -16.23 0.03
N LEU A 81 -6.48 -16.78 0.38
CA LEU A 81 -5.97 -17.91 -0.35
C LEU A 81 -5.27 -18.82 0.62
N ASN A 82 -6.00 -19.21 1.69
CA ASN A 82 -5.45 -20.09 2.70
C ASN A 82 -4.30 -19.40 3.38
N ARG A 83 -4.28 -18.06 3.29
CA ARG A 83 -3.24 -17.28 3.90
C ARG A 83 -3.91 -16.11 4.52
N SER A 84 -3.55 -15.78 5.77
CA SER A 84 -4.16 -14.65 6.43
C SER A 84 -3.59 -13.43 5.80
N LEU A 85 -4.48 -12.55 5.31
CA LEU A 85 -4.05 -11.36 4.66
C LEU A 85 -4.54 -10.19 5.49
N PRO A 86 -3.60 -9.44 6.04
CA PRO A 86 -3.93 -8.29 6.86
C PRO A 86 -4.30 -7.07 6.06
N ILE A 87 -4.97 -6.10 6.73
CA ILE A 87 -5.39 -4.90 6.06
C ILE A 87 -4.38 -3.84 6.40
N LYS A 88 -3.76 -3.21 5.37
CA LYS A 88 -2.78 -2.18 5.62
C LYS A 88 -3.36 -0.87 5.15
N PRO A 89 -3.35 0.13 6.01
CA PRO A 89 -3.83 1.45 5.66
C PRO A 89 -2.89 2.19 4.77
N VAL A 90 -3.41 3.18 4.02
CA VAL A 90 -2.56 3.97 3.18
C VAL A 90 -2.68 5.37 3.70
N PHE A 91 -1.54 6.07 3.82
CA PHE A 91 -1.56 7.42 4.34
C PHE A 91 -0.97 8.33 3.31
N GLU A 92 -0.84 7.84 2.06
CA GLU A 92 -0.28 8.63 1.00
C GLU A 92 -1.20 9.79 0.72
N LYS A 93 -2.52 9.56 0.76
CA LYS A 93 -3.47 10.60 0.49
C LYS A 93 -4.49 10.59 1.58
N ARG A 94 -4.76 11.78 2.17
CA ARG A 94 -5.73 11.88 3.23
C ARG A 94 -6.25 13.28 3.19
N ASN A 95 -7.46 13.51 3.76
CA ASN A 95 -8.01 14.83 3.73
C ASN A 95 -9.12 14.90 4.76
N GLU A 96 -10.02 13.90 4.77
CA GLU A 96 -11.11 13.91 5.70
C GLU A 96 -10.62 13.38 7.01
N THR A 97 -11.01 14.08 8.11
CA THR A 97 -10.60 13.66 9.43
C THR A 97 -11.85 13.54 10.24
N VAL A 98 -12.02 12.38 10.93
CA VAL A 98 -13.20 12.18 11.73
C VAL A 98 -12.73 11.68 13.07
N ALA A 99 -13.58 11.88 14.10
CA ALA A 99 -13.24 11.45 15.43
C ALA A 99 -14.41 10.66 15.96
N PRO A 100 -14.45 9.39 15.65
CA PRO A 100 -15.54 8.52 16.09
C PRO A 100 -15.54 8.28 17.57
N ALA A 101 -14.36 8.43 18.21
CA ALA A 101 -14.28 8.21 19.63
C ALA A 101 -13.10 9.02 20.12
N GLU A 102 -13.19 9.50 21.38
CA GLU A 102 -12.11 10.28 21.94
C GLU A 102 -11.87 9.77 23.33
N ARG A 103 -12.38 8.55 23.62
CA ARG A 103 -12.20 7.97 24.94
C ARG A 103 -11.07 6.98 24.86
N LYS A 104 -10.46 6.84 23.67
CA LYS A 104 -9.38 5.91 23.52
C LYS A 104 -8.12 6.58 23.98
N ARG A 105 -7.22 5.81 24.62
CA ARG A 105 -5.99 6.36 25.10
C ARG A 105 -4.93 6.02 24.08
N ARG A 106 -4.24 7.07 23.57
CA ARG A 106 -3.21 6.84 22.58
C ARG A 106 -2.06 7.70 23.00
N ARG A 107 -0.86 7.09 23.12
CA ARG A 107 0.30 7.84 23.52
C ARG A 107 0.95 8.40 22.29
N SER A 108 0.75 9.71 22.05
CA SER A 108 1.33 10.35 20.90
C SER A 108 1.98 11.60 21.37
N VAL A 109 3.06 12.02 20.67
CA VAL A 109 3.76 13.23 21.05
C VAL A 109 3.91 14.04 19.81
N SER A 110 4.11 15.36 19.97
CA SER A 110 4.27 16.23 18.83
C SER A 110 5.21 17.32 19.24
N PRO A 111 5.92 17.87 18.28
CA PRO A 111 6.86 18.95 18.55
C PRO A 111 6.19 20.25 18.85
N GLY A 112 6.87 21.12 19.63
CA GLY A 112 6.29 22.39 19.97
C GLY A 112 7.15 23.01 21.01
N GLY A 113 6.80 22.82 22.29
CA GLY A 113 7.57 23.38 23.35
C GLY A 113 6.96 22.92 24.64
N VAL A 114 7.54 23.36 25.77
CA VAL A 114 7.03 22.97 27.06
C VAL A 114 6.02 24.00 27.51
N HIS A 115 5.90 25.10 26.73
CA HIS A 115 4.96 26.16 27.06
C HIS A 115 5.34 26.74 28.40
N PRO A 116 6.43 27.47 28.44
CA PRO A 116 6.92 28.07 29.67
C PRO A 116 6.07 29.22 30.12
N GLN A 117 6.02 29.44 31.45
CA GLN A 117 5.23 30.53 31.98
C GLN A 117 6.10 31.75 31.99
N THR A 118 5.64 32.82 31.32
CA THR A 118 6.40 34.04 31.27
C THR A 118 5.42 35.16 31.06
N ALA A 119 5.83 36.40 31.44
CA ALA A 119 4.97 37.55 31.29
C ALA A 119 3.79 37.39 32.21
N ALA A 120 4.05 37.00 33.47
CA ALA A 120 2.97 36.81 34.40
C ALA A 120 3.52 37.18 35.75
N VAL A 121 2.63 37.71 36.63
CA VAL A 121 3.06 38.10 37.95
C VAL A 121 2.18 37.38 38.92
N SER A 122 2.78 36.68 39.90
CA SER A 122 2.01 35.98 40.89
C SER A 122 2.83 35.97 42.14
N ALA A 123 2.16 36.09 43.30
CA ALA A 123 2.88 36.10 44.55
C ALA A 123 1.88 35.84 45.63
N LEU A 124 0.78 36.63 45.65
CA LEU A 124 -0.23 36.45 46.66
C LEU A 124 -1.39 35.77 46.00
N SER A 125 -1.80 34.61 46.55
CA SER A 125 -2.91 33.89 46.00
C SER A 125 -3.58 33.19 47.14
N ARG A 126 -4.93 33.12 47.10
CA ARG A 126 -5.65 32.47 48.16
C ARG A 126 -6.66 31.57 47.52
N ARG A 127 -6.97 30.44 48.19
CA ARG A 127 -7.93 29.52 47.66
C ARG A 127 -8.70 28.91 48.83
N GLY A 1 -11.77 25.38 4.22
CA GLY A 1 -11.90 23.91 4.07
C GLY A 1 -11.10 23.23 5.12
N PRO A 2 -11.12 21.92 5.07
CA PRO A 2 -10.40 21.10 6.01
C PRO A 2 -8.92 21.11 5.78
N GLY A 3 -8.14 20.84 6.84
CA GLY A 3 -6.71 20.82 6.71
C GLY A 3 -6.26 19.41 6.92
N SER A 4 -5.27 18.97 6.10
CA SER A 4 -4.77 17.61 6.22
C SER A 4 -4.10 17.45 7.55
N GLU A 5 -3.36 18.50 8.01
CA GLU A 5 -2.67 18.42 9.27
C GLU A 5 -3.66 18.43 10.40
N ALA A 6 -4.93 18.80 10.13
CA ALA A 6 -5.93 18.84 11.18
C ALA A 6 -6.30 17.42 11.56
N THR A 7 -6.02 16.44 10.69
CA THR A 7 -6.38 15.07 10.99
C THR A 7 -5.48 14.55 12.08
N GLU A 8 -4.20 14.99 12.12
CA GLU A 8 -3.29 14.52 13.13
C GLU A 8 -3.35 15.45 14.31
N GLU A 9 -4.07 16.58 14.18
CA GLU A 9 -4.17 17.53 15.26
C GLU A 9 -4.91 16.91 16.40
N ILE A 10 -5.98 16.15 16.10
CA ILE A 10 -6.74 15.52 17.16
C ILE A 10 -5.90 14.48 17.83
N ALA A 11 -5.07 13.75 17.06
CA ALA A 11 -4.22 12.76 17.64
C ALA A 11 -3.27 12.31 16.57
N ALA A 12 -2.02 11.99 16.95
CA ALA A 12 -1.04 11.57 15.99
C ALA A 12 -0.96 10.07 16.04
N LEU A 13 -0.77 9.44 14.84
CA LEU A 13 -0.67 8.00 14.75
C LEU A 13 -2.05 7.40 14.75
N ASP A 14 -3.08 8.24 14.99
CA ASP A 14 -4.44 7.77 15.01
C ASP A 14 -5.09 8.24 13.74
N GLN A 15 -4.31 8.23 12.62
CA GLN A 15 -4.83 8.68 11.35
C GLN A 15 -5.97 7.76 10.95
N PRO A 16 -7.12 8.35 10.71
CA PRO A 16 -8.31 7.59 10.30
C PRO A 16 -8.09 6.85 9.01
N PHE A 17 -8.73 5.66 8.89
CA PHE A 17 -8.60 4.87 7.69
C PHE A 17 -9.52 5.44 6.66
N GLU A 18 -9.01 5.63 5.44
CA GLU A 18 -9.83 6.16 4.37
C GLU A 18 -9.88 5.12 3.30
N LYS A 19 -8.72 4.50 3.00
CA LYS A 19 -8.67 3.49 1.99
C LYS A 19 -7.80 2.40 2.53
N CYS A 20 -7.98 1.16 2.03
CA CYS A 20 -7.18 0.06 2.52
C CYS A 20 -6.59 -0.63 1.33
N PHE A 21 -5.50 -1.38 1.57
CA PHE A 21 -4.83 -2.06 0.49
C PHE A 21 -4.52 -3.45 0.98
N ILE A 22 -4.82 -4.46 0.13
CA ILE A 22 -4.54 -5.83 0.48
C ILE A 22 -3.38 -6.25 -0.39
N PRO A 23 -2.21 -6.36 0.19
CA PRO A 23 -1.00 -6.73 -0.55
C PRO A 23 -0.95 -8.17 -0.95
N THR A 24 -0.35 -8.43 -2.13
CA THR A 24 -0.22 -9.78 -2.61
C THR A 24 1.20 -9.92 -3.11
N GLU A 25 1.78 -11.13 -2.97
CA GLU A 25 3.13 -11.33 -3.43
C GLU A 25 3.49 -12.78 -3.20
N ALA A 26 3.75 -13.15 -1.93
CA ALA A 26 4.13 -14.51 -1.63
C ALA A 26 2.93 -15.20 -1.04
N LEU A 27 1.85 -15.25 -1.82
CA LEU A 27 0.64 -15.89 -1.35
C LEU A 27 0.54 -17.23 -2.04
N GLY A 28 1.69 -17.78 -2.48
CA GLY A 28 1.69 -19.05 -3.15
C GLY A 28 1.57 -18.83 -4.62
N SER A 29 1.62 -17.55 -5.05
CA SER A 29 1.52 -17.19 -6.44
C SER A 29 0.16 -17.54 -6.97
N ASP A 30 -0.81 -17.71 -6.06
CA ASP A 30 -2.16 -18.03 -6.46
C ASP A 30 -2.92 -16.74 -6.58
N ARG A 31 -2.23 -15.61 -6.30
CA ARG A 31 -2.85 -14.30 -6.39
C ARG A 31 -3.06 -13.95 -7.83
N GLU A 32 -2.36 -14.64 -8.74
CA GLU A 32 -2.50 -14.35 -10.15
C GLU A 32 -3.69 -15.11 -10.67
N GLY A 33 -4.89 -14.74 -10.17
CA GLY A 33 -6.08 -15.41 -10.60
C GLY A 33 -7.22 -14.85 -9.81
N LEU A 34 -7.28 -13.50 -9.70
CA LEU A 34 -8.33 -12.87 -8.95
C LEU A 34 -9.46 -12.59 -9.89
N ASP A 35 -10.57 -13.33 -9.72
CA ASP A 35 -11.73 -13.14 -10.56
C ASP A 35 -12.63 -12.20 -9.80
N ARG A 36 -12.91 -11.02 -10.38
CA ARG A 36 -13.72 -10.02 -9.69
C ARG A 36 -15.10 -10.55 -9.38
N THR A 37 -15.76 -11.24 -10.34
CA THR A 37 -17.11 -11.75 -10.09
C THR A 37 -17.06 -12.76 -8.97
N GLN A 38 -16.08 -13.67 -9.02
CA GLN A 38 -15.96 -14.71 -8.01
C GLN A 38 -15.61 -14.06 -6.68
N LEU A 39 -14.78 -12.99 -6.74
CA LEU A 39 -14.36 -12.28 -5.54
C LEU A 39 -15.55 -11.69 -4.84
N GLU A 40 -16.60 -11.27 -5.60
CA GLU A 40 -17.77 -10.68 -4.98
C GLU A 40 -18.41 -11.68 -4.04
N ARG A 41 -18.45 -12.98 -4.43
CA ARG A 41 -19.04 -13.98 -3.59
C ARG A 41 -17.90 -14.81 -3.05
N GLN A 42 -17.13 -14.21 -2.12
CA GLN A 42 -15.97 -14.87 -1.59
C GLN A 42 -15.89 -14.62 -0.10
N LEU A 43 -14.64 -14.82 0.42
CA LEU A 43 -14.27 -14.63 1.81
C LEU A 43 -14.73 -13.26 2.30
N PRO A 44 -14.40 -12.89 3.54
CA PRO A 44 -14.82 -11.60 4.07
C PRO A 44 -14.52 -10.47 3.14
N PHE A 45 -15.56 -9.68 2.87
CA PHE A 45 -15.49 -8.57 1.96
C PHE A 45 -16.91 -8.18 1.75
N ARG A 46 -17.80 -9.20 1.86
CA ARG A 46 -19.21 -9.01 1.68
C ARG A 46 -19.80 -8.51 2.96
N ASN A 47 -19.02 -8.60 4.07
CA ASN A 47 -19.49 -8.19 5.38
C ASN A 47 -19.79 -6.71 5.37
N TYR A 48 -18.95 -5.90 4.71
CA TYR A 48 -19.17 -4.47 4.68
C TYR A 48 -18.99 -4.05 3.25
N PRO A 49 -19.65 -2.97 2.85
CA PRO A 49 -19.50 -2.46 1.50
C PRO A 49 -18.07 -2.14 1.24
N ILE A 50 -17.55 -2.59 0.08
CA ILE A 50 -16.16 -2.35 -0.18
C ILE A 50 -15.95 -2.35 -1.67
N LYS A 51 -15.06 -1.43 -2.13
CA LYS A 51 -14.73 -1.35 -3.53
C LYS A 51 -13.59 -2.28 -3.72
N LEU A 52 -13.71 -3.26 -4.64
CA LEU A 52 -12.62 -4.17 -4.86
C LEU A 52 -12.16 -3.97 -6.26
N ASN A 53 -10.84 -3.75 -6.43
CA ASN A 53 -10.29 -3.56 -7.74
C ASN A 53 -9.06 -4.42 -7.82
N VAL A 54 -9.00 -5.29 -8.86
CA VAL A 54 -7.87 -6.17 -9.00
C VAL A 54 -6.71 -5.37 -9.54
N SER A 55 -5.49 -5.72 -9.10
CA SER A 55 -4.32 -5.02 -9.54
C SER A 55 -3.17 -5.94 -9.31
N LYS A 56 -2.06 -5.73 -10.04
CA LYS A 56 -0.88 -6.56 -9.89
C LYS A 56 -0.34 -6.38 -8.50
N SER A 57 -0.38 -5.12 -7.99
CA SER A 57 0.13 -4.84 -6.65
C SER A 57 -0.66 -5.60 -5.63
N GLY A 58 -1.99 -5.66 -5.81
CA GLY A 58 -2.82 -6.36 -4.86
C GLY A 58 -4.24 -5.95 -5.11
N ILE A 59 -5.08 -5.98 -4.06
CA ILE A 59 -6.46 -5.61 -4.23
C ILE A 59 -6.67 -4.30 -3.54
N PHE A 60 -7.21 -3.30 -4.27
CA PHE A 60 -7.48 -2.02 -3.69
C PHE A 60 -8.78 -2.12 -2.98
N CYS A 61 -8.87 -1.49 -1.78
CA CYS A 61 -10.10 -1.52 -1.04
C CYS A 61 -10.50 -0.11 -0.73
N GLN A 62 -11.74 0.27 -1.11
CA GLN A 62 -12.22 1.60 -0.83
C GLN A 62 -13.51 1.44 -0.07
N PHE A 63 -13.76 2.34 0.90
CA PHE A 63 -14.96 2.25 1.69
C PHE A 63 -15.64 3.60 1.61
N PRO A 64 -16.96 3.58 1.69
CA PRO A 64 -17.74 4.81 1.63
C PRO A 64 -17.60 5.66 2.86
N THR A 65 -17.29 5.03 4.02
CA THR A 65 -17.12 5.78 5.23
C THR A 65 -15.86 5.30 5.88
N VAL A 66 -15.29 6.16 6.75
CA VAL A 66 -14.06 5.80 7.43
C VAL A 66 -14.37 4.87 8.56
N SER A 67 -15.62 4.95 9.10
CA SER A 67 -16.01 4.11 10.19
C SER A 67 -16.03 2.67 9.74
N ASP A 68 -16.58 2.40 8.53
CA ASP A 68 -16.64 1.05 8.03
C ASP A 68 -15.24 0.55 7.78
N ALA A 69 -14.36 1.42 7.26
CA ALA A 69 -13.00 1.02 6.98
C ALA A 69 -12.32 0.63 8.26
N LYS A 70 -12.56 1.39 9.35
CA LYS A 70 -11.93 1.10 10.62
C LYS A 70 -12.40 -0.24 11.13
N ARG A 71 -13.72 -0.55 10.98
CA ARG A 71 -14.24 -1.82 11.45
C ARG A 71 -13.57 -2.93 10.68
N PHE A 72 -13.40 -2.73 9.36
CA PHE A 72 -12.80 -3.74 8.52
C PHE A 72 -11.36 -3.93 8.94
N TYR A 73 -10.67 -2.84 9.26
CA TYR A 73 -9.29 -2.95 9.66
C TYR A 73 -9.17 -3.66 10.99
N GLU A 74 -9.92 -3.19 12.01
CA GLU A 74 -9.80 -3.76 13.33
C GLU A 74 -10.38 -5.14 13.43
N GLU A 75 -11.52 -5.40 12.77
CA GLU A 75 -12.13 -6.72 12.89
C GLU A 75 -12.63 -7.16 11.54
N GLY A 76 -11.77 -7.10 10.53
CA GLY A 76 -12.17 -7.52 9.20
C GLY A 76 -11.06 -8.30 8.60
N THR A 77 -10.35 -9.11 9.41
CA THR A 77 -9.27 -9.92 8.88
C THR A 77 -9.86 -10.84 7.87
N VAL A 78 -9.11 -11.13 6.79
CA VAL A 78 -9.63 -11.98 5.75
C VAL A 78 -8.67 -13.11 5.54
N GLU A 79 -9.19 -14.23 5.00
CA GLU A 79 -8.35 -15.37 4.72
C GLU A 79 -8.52 -15.62 3.26
N ILE A 80 -7.44 -15.37 2.47
CA ILE A 80 -7.53 -15.54 1.05
C ILE A 80 -6.38 -16.40 0.65
N LEU A 81 -6.66 -17.43 -0.19
CA LEU A 81 -5.63 -18.33 -0.64
C LEU A 81 -5.18 -19.16 0.52
N ASN A 82 -6.09 -19.43 1.49
CA ASN A 82 -5.78 -20.22 2.66
C ASN A 82 -4.67 -19.54 3.43
N ARG A 83 -4.67 -18.20 3.41
CA ARG A 83 -3.66 -17.47 4.13
C ARG A 83 -4.32 -16.24 4.67
N SER A 84 -4.08 -15.94 5.98
CA SER A 84 -4.69 -14.77 6.58
C SER A 84 -3.98 -13.57 6.03
N LEU A 85 -4.76 -12.55 5.63
CA LEU A 85 -4.18 -11.35 5.09
C LEU A 85 -4.66 -10.20 5.93
N PRO A 86 -3.74 -9.36 6.36
CA PRO A 86 -4.06 -8.21 7.17
C PRO A 86 -4.53 -7.03 6.36
N ILE A 87 -5.06 -6.01 7.05
CA ILE A 87 -5.54 -4.83 6.37
C ILE A 87 -4.49 -3.78 6.52
N LYS A 88 -3.97 -3.30 5.37
CA LYS A 88 -2.92 -2.30 5.39
C LYS A 88 -3.48 -1.01 4.85
N PRO A 89 -3.44 0.04 5.66
CA PRO A 89 -3.92 1.35 5.24
C PRO A 89 -2.99 2.03 4.29
N VAL A 90 -3.51 3.00 3.52
CA VAL A 90 -2.69 3.73 2.59
C VAL A 90 -2.82 5.17 2.94
N PHE A 91 -1.70 5.91 2.92
CA PHE A 91 -1.75 7.32 3.24
C PHE A 91 -0.88 8.02 2.24
N GLU A 92 -1.24 9.28 1.93
CA GLU A 92 -0.46 10.06 1.00
C GLU A 92 0.70 10.65 1.75
N LYS A 93 1.82 10.88 1.04
CA LYS A 93 2.98 11.42 1.67
C LYS A 93 3.28 12.73 1.00
N ARG A 94 3.67 13.75 1.80
CA ARG A 94 3.95 15.06 1.28
C ARG A 94 5.28 15.04 0.56
N ASN A 95 6.07 13.96 0.71
CA ASN A 95 7.35 13.89 0.04
C ASN A 95 7.12 13.90 -1.45
N GLU A 96 6.05 13.20 -1.92
CA GLU A 96 5.78 13.16 -3.33
C GLU A 96 4.69 14.15 -3.64
N THR A 97 3.60 14.15 -2.82
CA THR A 97 2.48 15.04 -3.04
C THR A 97 1.94 14.79 -4.42
N VAL A 98 1.47 13.55 -4.66
CA VAL A 98 0.93 13.21 -5.94
C VAL A 98 -0.13 12.17 -5.73
N ALA A 99 -1.21 12.23 -6.52
CA ALA A 99 -2.28 11.27 -6.40
C ALA A 99 -2.59 10.76 -7.78
N PRO A 100 -1.85 9.78 -8.23
CA PRO A 100 -2.04 9.19 -9.55
C PRO A 100 -3.42 8.65 -9.78
N ALA A 101 -4.00 8.05 -8.73
CA ALA A 101 -5.34 7.48 -8.82
C ALA A 101 -5.27 6.31 -9.77
N GLU A 102 -6.20 6.25 -10.74
CA GLU A 102 -6.22 5.17 -11.68
C GLU A 102 -6.28 5.79 -13.04
N ARG A 103 -5.33 5.43 -13.92
CA ARG A 103 -5.30 5.98 -15.25
C ARG A 103 -4.84 4.88 -16.16
N LYS A 104 -5.55 4.69 -17.29
CA LYS A 104 -5.17 3.67 -18.23
C LYS A 104 -4.64 4.37 -19.45
N ARG A 105 -3.39 4.04 -19.83
CA ARG A 105 -2.79 4.65 -20.98
C ARG A 105 -2.06 3.56 -21.72
N ARG A 106 -2.29 3.47 -23.05
CA ARG A 106 -1.64 2.44 -23.82
C ARG A 106 -0.77 3.11 -24.85
N ARG A 107 -1.41 3.83 -25.82
CA ARG A 107 -0.68 4.51 -26.87
C ARG A 107 0.02 3.47 -27.69
N SER A 108 1.36 3.60 -27.83
CA SER A 108 2.11 2.66 -28.61
C SER A 108 3.55 2.82 -28.22
N VAL A 109 4.47 2.20 -29.00
CA VAL A 109 5.87 2.31 -28.70
C VAL A 109 6.56 2.72 -29.96
N SER A 110 7.77 3.34 -29.81
CA SER A 110 8.52 3.79 -30.96
C SER A 110 9.91 3.26 -30.83
N PRO A 111 10.11 2.02 -31.27
CA PRO A 111 11.42 1.40 -31.19
C PRO A 111 12.39 1.97 -32.18
N GLY A 112 13.70 1.91 -31.84
CA GLY A 112 14.71 2.44 -32.73
C GLY A 112 14.96 1.43 -33.80
N GLY A 113 15.53 1.88 -34.94
CA GLY A 113 15.81 0.99 -36.03
C GLY A 113 17.08 0.27 -35.72
N VAL A 114 17.32 -0.85 -36.43
CA VAL A 114 18.52 -1.62 -36.22
C VAL A 114 19.71 -0.78 -36.61
N HIS A 115 19.61 -0.08 -37.76
CA HIS A 115 20.69 0.75 -38.22
C HIS A 115 20.36 2.16 -37.81
N PRO A 116 21.21 2.77 -37.02
CA PRO A 116 21.00 4.13 -36.56
C PRO A 116 21.22 5.15 -37.65
N GLN A 117 20.58 6.32 -37.51
CA GLN A 117 20.72 7.35 -38.50
C GLN A 117 21.35 8.54 -37.83
N THR A 118 22.21 9.27 -38.56
CA THR A 118 22.86 10.41 -37.99
C THR A 118 23.14 11.37 -39.11
N ALA A 119 23.37 12.65 -38.77
CA ALA A 119 23.65 13.63 -39.79
C ALA A 119 24.49 14.69 -39.14
N ALA A 120 25.28 15.41 -39.97
CA ALA A 120 26.12 16.46 -39.44
C ALA A 120 26.26 17.50 -40.51
N VAL A 121 26.54 18.75 -40.10
CA VAL A 121 26.69 19.82 -41.06
C VAL A 121 27.78 20.71 -40.54
N SER A 122 28.57 21.28 -41.47
CA SER A 122 29.65 22.17 -41.07
C SER A 122 29.39 23.49 -41.72
N ALA A 123 29.78 24.58 -41.04
CA ALA A 123 29.57 25.89 -41.58
C ALA A 123 30.63 26.78 -41.02
N LEU A 124 30.92 27.90 -41.73
CA LEU A 124 31.94 28.82 -41.28
C LEU A 124 31.48 29.45 -39.99
N SER A 125 30.17 29.75 -39.89
CA SER A 125 29.64 30.37 -38.69
C SER A 125 28.63 29.42 -38.13
N ARG A 126 28.66 29.23 -36.80
CA ARG A 126 27.72 28.33 -36.16
C ARG A 126 27.08 29.10 -35.05
N ARG A 127 25.78 28.78 -34.78
CA ARG A 127 25.05 29.46 -33.73
C ARG A 127 25.02 30.97 -34.05
N GLY A 1 -4.72 -0.75 31.66
CA GLY A 1 -3.54 -0.22 30.91
C GLY A 1 -3.75 1.23 30.65
N PRO A 2 -2.80 1.80 29.94
CA PRO A 2 -2.84 3.22 29.60
C PRO A 2 -3.86 3.52 28.54
N GLY A 3 -4.30 4.81 28.49
CA GLY A 3 -5.30 5.21 27.53
C GLY A 3 -4.67 5.30 26.17
N SER A 4 -3.33 5.19 26.10
CA SER A 4 -2.63 5.26 24.83
C SER A 4 -2.99 4.04 24.01
N GLU A 5 -3.49 2.96 24.67
CA GLU A 5 -3.84 1.76 23.96
C GLU A 5 -4.98 2.08 23.03
N ALA A 6 -5.92 2.92 23.50
CA ALA A 6 -7.07 3.28 22.70
C ALA A 6 -6.61 4.04 21.49
N THR A 7 -5.62 4.96 21.65
CA THR A 7 -5.16 5.74 20.52
C THR A 7 -4.40 4.85 19.58
N GLU A 8 -3.66 3.85 20.10
CA GLU A 8 -2.91 2.96 19.25
C GLU A 8 -3.87 2.12 18.44
N GLU A 9 -4.99 1.72 19.08
CA GLU A 9 -5.96 0.88 18.41
C GLU A 9 -6.63 1.65 17.29
N ILE A 10 -6.95 2.94 17.51
CA ILE A 10 -7.64 3.70 16.49
C ILE A 10 -6.72 3.95 15.32
N ALA A 11 -5.41 4.14 15.58
CA ALA A 11 -4.50 4.37 14.49
C ALA A 11 -3.10 4.18 15.00
N ALA A 12 -2.14 3.94 14.08
CA ALA A 12 -0.77 3.75 14.47
C ALA A 12 -0.28 4.99 15.17
N LEU A 13 -0.65 6.17 14.63
CA LEU A 13 -0.23 7.41 15.24
C LEU A 13 -1.49 8.21 15.47
N ASP A 14 -1.85 9.07 14.50
CA ASP A 14 -3.06 9.87 14.65
C ASP A 14 -3.57 10.15 13.28
N GLN A 15 -3.40 9.18 12.35
CA GLN A 15 -3.85 9.35 11.01
C GLN A 15 -5.02 8.42 10.78
N PRO A 16 -6.21 8.97 10.65
CA PRO A 16 -7.41 8.16 10.41
C PRO A 16 -7.34 7.39 9.12
N PHE A 17 -8.01 6.22 9.08
CA PHE A 17 -8.00 5.40 7.90
C PHE A 17 -8.89 6.03 6.87
N GLU A 18 -8.44 5.99 5.60
CA GLU A 18 -9.21 6.55 4.52
C GLU A 18 -9.44 5.45 3.53
N LYS A 19 -8.37 4.68 3.23
CA LYS A 19 -8.48 3.59 2.29
C LYS A 19 -7.73 2.44 2.90
N CYS A 20 -7.97 1.22 2.37
CA CYS A 20 -7.31 0.05 2.90
C CYS A 20 -6.64 -0.64 1.74
N PHE A 21 -5.58 -1.43 2.04
CA PHE A 21 -4.87 -2.10 0.99
C PHE A 21 -4.54 -3.49 1.45
N ILE A 22 -4.86 -4.49 0.59
CA ILE A 22 -4.57 -5.87 0.92
C ILE A 22 -3.45 -6.30 0.00
N PRO A 23 -2.27 -6.46 0.56
CA PRO A 23 -1.10 -6.85 -0.24
C PRO A 23 -1.10 -8.28 -0.66
N THR A 24 -0.52 -8.56 -1.85
CA THR A 24 -0.46 -9.92 -2.33
C THR A 24 0.94 -10.13 -2.81
N GLU A 25 1.47 -11.37 -2.65
CA GLU A 25 2.81 -11.63 -3.10
C GLU A 25 3.13 -13.08 -2.83
N ALA A 26 3.09 -13.47 -1.54
CA ALA A 26 3.42 -14.84 -1.18
C ALA A 26 2.20 -15.70 -1.26
N LEU A 27 1.06 -15.13 -1.70
CA LEU A 27 -0.16 -15.89 -1.80
C LEU A 27 0.03 -16.97 -2.82
N GLY A 28 0.72 -16.65 -3.94
CA GLY A 28 0.94 -17.64 -4.97
C GLY A 28 0.61 -17.00 -6.28
N SER A 29 0.47 -17.83 -7.33
CA SER A 29 0.16 -17.31 -8.64
C SER A 29 -1.33 -17.13 -8.73
N ASP A 30 -2.08 -17.61 -7.72
CA ASP A 30 -3.51 -17.50 -7.72
C ASP A 30 -3.89 -16.07 -7.49
N ARG A 31 -2.95 -15.23 -7.01
CA ARG A 31 -3.25 -13.84 -6.76
C ARG A 31 -3.41 -13.14 -8.09
N GLU A 32 -2.86 -13.74 -9.18
CA GLU A 32 -2.97 -13.15 -10.48
C GLU A 32 -4.17 -13.76 -11.17
N GLY A 33 -4.96 -14.53 -10.40
CA GLY A 33 -6.14 -15.17 -10.97
C GLY A 33 -7.30 -14.62 -10.22
N LEU A 34 -7.14 -13.41 -9.68
CA LEU A 34 -8.18 -12.78 -8.93
C LEU A 34 -9.22 -12.28 -9.91
N ASP A 35 -10.29 -13.07 -10.08
CA ASP A 35 -11.35 -12.69 -10.98
C ASP A 35 -12.42 -12.07 -10.13
N ARG A 36 -13.11 -11.04 -10.68
CA ARG A 36 -14.13 -10.36 -9.91
C ARG A 36 -15.25 -11.32 -9.58
N THR A 37 -15.62 -12.19 -10.54
CA THR A 37 -16.69 -13.13 -10.30
C THR A 37 -16.30 -14.06 -9.18
N GLN A 38 -15.07 -14.60 -9.24
CA GLN A 38 -14.61 -15.52 -8.21
C GLN A 38 -14.46 -14.77 -6.91
N LEU A 39 -14.02 -13.50 -6.99
CA LEU A 39 -13.81 -12.69 -5.82
C LEU A 39 -15.14 -12.51 -5.11
N GLU A 40 -16.25 -12.35 -5.86
CA GLU A 40 -17.55 -12.19 -5.24
C GLU A 40 -17.88 -13.45 -4.49
N ARG A 41 -17.56 -14.63 -5.06
CA ARG A 41 -17.85 -15.89 -4.40
C ARG A 41 -16.59 -16.35 -3.73
N GLN A 42 -16.14 -15.57 -2.73
CA GLN A 42 -14.91 -15.89 -2.05
C GLN A 42 -15.10 -15.63 -0.58
N LEU A 43 -13.94 -15.46 0.12
CA LEU A 43 -13.87 -15.17 1.55
C LEU A 43 -14.81 -14.02 1.88
N PRO A 44 -14.96 -13.70 3.16
CA PRO A 44 -15.85 -12.61 3.56
C PRO A 44 -15.46 -11.27 3.03
N PHE A 45 -16.07 -10.90 1.89
CA PHE A 45 -15.86 -9.61 1.27
C PHE A 45 -17.24 -9.17 0.90
N ARG A 46 -18.23 -9.92 1.41
CA ARG A 46 -19.60 -9.70 1.10
C ARG A 46 -20.29 -9.21 2.34
N ASN A 47 -19.50 -9.04 3.42
CA ASN A 47 -20.04 -8.59 4.68
C ASN A 47 -20.66 -7.22 4.51
N TYR A 48 -20.01 -6.34 3.72
CA TYR A 48 -20.55 -5.02 3.53
C TYR A 48 -19.93 -4.44 2.30
N PRO A 49 -20.59 -3.45 1.73
CA PRO A 49 -20.12 -2.79 0.52
C PRO A 49 -18.73 -2.27 0.61
N ILE A 50 -17.81 -3.08 0.09
CA ILE A 50 -16.42 -2.72 0.06
C ILE A 50 -16.03 -2.63 -1.39
N LYS A 51 -15.30 -1.55 -1.75
CA LYS A 51 -14.85 -1.38 -3.11
C LYS A 51 -13.67 -2.27 -3.29
N LEU A 52 -13.73 -3.20 -4.26
CA LEU A 52 -12.62 -4.09 -4.48
C LEU A 52 -12.17 -3.87 -5.89
N ASN A 53 -10.85 -3.62 -6.05
CA ASN A 53 -10.30 -3.41 -7.36
C ASN A 53 -9.10 -4.30 -7.45
N VAL A 54 -9.07 -5.18 -8.47
CA VAL A 54 -7.96 -6.10 -8.61
C VAL A 54 -6.80 -5.34 -9.20
N SER A 55 -5.61 -5.54 -8.62
CA SER A 55 -4.43 -4.88 -9.11
C SER A 55 -3.30 -5.85 -8.98
N LYS A 56 -2.21 -5.64 -9.74
CA LYS A 56 -1.08 -6.53 -9.67
C LYS A 56 -0.38 -6.36 -8.35
N SER A 57 -0.55 -5.18 -7.71
CA SER A 57 0.10 -4.92 -6.44
C SER A 57 -0.66 -5.63 -5.35
N GLY A 58 -1.98 -5.78 -5.51
CA GLY A 58 -2.77 -6.43 -4.50
C GLY A 58 -4.20 -6.09 -4.75
N ILE A 59 -5.04 -6.16 -3.70
CA ILE A 59 -6.44 -5.86 -3.86
C ILE A 59 -6.68 -4.54 -3.18
N PHE A 60 -7.25 -3.58 -3.94
CA PHE A 60 -7.53 -2.29 -3.38
C PHE A 60 -8.83 -2.38 -2.63
N CYS A 61 -8.88 -1.79 -1.42
CA CYS A 61 -10.09 -1.82 -0.64
C CYS A 61 -10.41 -0.39 -0.28
N GLN A 62 -11.64 0.04 -0.60
CA GLN A 62 -12.03 1.40 -0.31
C GLN A 62 -13.43 1.37 0.22
N PHE A 63 -13.72 2.25 1.22
CA PHE A 63 -15.03 2.31 1.80
C PHE A 63 -15.47 3.75 1.71
N PRO A 64 -16.77 3.94 1.64
CA PRO A 64 -17.34 5.28 1.55
C PRO A 64 -17.25 6.07 2.81
N THR A 65 -17.04 5.39 3.97
CA THR A 65 -16.95 6.11 5.22
C THR A 65 -15.70 5.68 5.92
N VAL A 66 -15.19 6.57 6.80
CA VAL A 66 -13.98 6.31 7.55
C VAL A 66 -14.26 5.22 8.55
N SER A 67 -15.44 5.24 9.19
CA SER A 67 -15.77 4.26 10.20
C SER A 67 -15.77 2.88 9.60
N ASP A 68 -16.26 2.73 8.35
CA ASP A 68 -16.29 1.42 7.73
C ASP A 68 -14.87 0.94 7.53
N ALA A 69 -13.95 1.86 7.15
CA ALA A 69 -12.57 1.48 6.93
C ALA A 69 -11.98 1.02 8.24
N LYS A 70 -12.29 1.72 9.35
CA LYS A 70 -11.76 1.33 10.64
C LYS A 70 -12.33 0.00 11.05
N ARG A 71 -13.62 -0.25 10.73
CA ARG A 71 -14.23 -1.52 11.09
C ARG A 71 -13.47 -2.62 10.39
N PHE A 72 -13.12 -2.40 9.11
CA PHE A 72 -12.42 -3.40 8.34
C PHE A 72 -11.05 -3.62 8.92
N TYR A 73 -10.36 -2.53 9.30
CA TYR A 73 -9.02 -2.65 9.83
C TYR A 73 -9.02 -3.26 11.22
N GLU A 74 -9.84 -2.71 12.13
CA GLU A 74 -9.84 -3.16 13.50
C GLU A 74 -10.45 -4.53 13.63
N GLU A 75 -11.53 -4.82 12.90
CA GLU A 75 -12.16 -6.11 13.03
C GLU A 75 -12.42 -6.67 11.66
N GLY A 76 -11.33 -6.98 10.92
CA GLY A 76 -11.49 -7.54 9.61
C GLY A 76 -10.87 -8.90 9.61
N THR A 77 -9.51 -8.93 9.72
CA THR A 77 -8.76 -10.19 9.71
C THR A 77 -9.33 -11.09 8.64
N VAL A 78 -9.06 -10.75 7.36
CA VAL A 78 -9.62 -11.52 6.28
C VAL A 78 -8.72 -12.70 6.05
N GLU A 79 -9.29 -13.78 5.50
CA GLU A 79 -8.52 -14.96 5.22
C GLU A 79 -8.69 -15.23 3.77
N ILE A 80 -7.59 -15.19 3.00
CA ILE A 80 -7.70 -15.38 1.58
C ILE A 80 -6.65 -16.38 1.19
N LEU A 81 -7.07 -17.44 0.45
CA LEU A 81 -6.18 -18.47 0.00
C LEU A 81 -5.60 -19.18 1.20
N ASN A 82 -6.46 -19.41 2.23
CA ASN A 82 -6.05 -20.11 3.43
C ASN A 82 -4.94 -19.37 4.13
N ARG A 83 -4.92 -18.03 4.03
CA ARG A 83 -3.91 -17.25 4.69
C ARG A 83 -4.58 -16.06 5.29
N SER A 84 -4.24 -15.73 6.54
CA SER A 84 -4.84 -14.58 7.18
C SER A 84 -4.07 -13.39 6.71
N LEU A 85 -4.78 -12.37 6.19
CA LEU A 85 -4.11 -11.20 5.69
C LEU A 85 -4.60 -10.01 6.48
N PRO A 86 -3.67 -9.17 6.86
CA PRO A 86 -3.97 -7.97 7.63
C PRO A 86 -4.39 -6.82 6.77
N ILE A 87 -4.82 -5.73 7.42
CA ILE A 87 -5.27 -4.56 6.69
C ILE A 87 -4.22 -3.50 6.86
N LYS A 88 -3.69 -2.98 5.74
CA LYS A 88 -2.67 -1.96 5.80
C LYS A 88 -3.23 -0.70 5.20
N PRO A 89 -3.17 0.38 5.94
CA PRO A 89 -3.63 1.67 5.46
C PRO A 89 -2.71 2.27 4.44
N VAL A 90 -3.25 3.22 3.64
CA VAL A 90 -2.44 3.87 2.65
C VAL A 90 -2.50 5.33 2.96
N PHE A 91 -1.35 6.03 2.85
CA PHE A 91 -1.33 7.44 3.13
C PHE A 91 -0.52 8.10 2.06
N GLU A 92 -0.84 9.38 1.74
CA GLU A 92 -0.12 10.10 0.73
C GLU A 92 0.99 10.85 1.42
N LYS A 93 2.03 11.22 0.64
CA LYS A 93 3.16 11.93 1.20
C LYS A 93 3.06 13.37 0.79
N ARG A 94 3.55 14.27 1.67
CA ARG A 94 3.52 15.68 1.39
C ARG A 94 4.95 16.14 1.32
N ASN A 95 5.25 17.06 0.37
CA ASN A 95 6.60 17.56 0.23
C ASN A 95 6.70 18.80 1.07
N GLU A 96 7.43 18.70 2.20
CA GLU A 96 7.59 19.83 3.07
C GLU A 96 9.03 20.25 2.98
N THR A 97 9.26 21.57 2.76
CA THR A 97 10.60 22.07 2.66
C THR A 97 10.70 23.25 3.59
N VAL A 98 11.95 23.63 3.95
CA VAL A 98 12.14 24.74 4.84
C VAL A 98 13.35 25.48 4.36
N ALA A 99 13.33 26.83 4.47
CA ALA A 99 14.44 27.62 4.04
C ALA A 99 15.47 27.63 5.14
N PRO A 100 16.73 27.76 4.79
CA PRO A 100 17.81 27.78 5.75
C PRO A 100 17.84 29.05 6.56
N ALA A 101 18.34 28.96 7.81
CA ALA A 101 18.41 30.11 8.68
C ALA A 101 19.35 31.13 8.08
N GLU A 102 20.48 30.65 7.50
CA GLU A 102 21.46 31.54 6.90
C GLU A 102 22.00 32.45 7.96
N ARG A 103 22.36 31.87 9.14
CA ARG A 103 22.88 32.66 10.21
C ARG A 103 24.38 32.69 10.06
N LYS A 104 24.96 33.91 10.07
CA LYS A 104 26.39 34.05 9.92
C LYS A 104 26.92 34.60 11.22
N ARG A 105 27.94 33.92 11.78
CA ARG A 105 28.52 34.36 13.03
C ARG A 105 30.00 34.39 12.83
N ARG A 106 30.69 35.29 13.59
CA ARG A 106 32.11 35.40 13.47
C ARG A 106 32.62 35.86 14.80
N ARG A 107 33.94 35.67 15.05
CA ARG A 107 34.53 36.07 16.30
C ARG A 107 35.73 36.89 15.97
N SER A 108 36.06 37.86 16.85
CA SER A 108 37.21 38.70 16.62
C SER A 108 37.71 39.13 17.96
N VAL A 109 39.05 39.27 18.09
CA VAL A 109 39.63 39.67 19.34
C VAL A 109 40.61 40.76 19.06
N SER A 110 40.94 41.58 20.08
CA SER A 110 41.87 42.67 19.90
C SER A 110 42.90 42.58 20.99
N PRO A 111 43.86 41.70 20.82
CA PRO A 111 44.93 41.53 21.80
C PRO A 111 45.95 42.62 21.76
N GLY A 112 46.67 42.83 22.88
CA GLY A 112 47.67 43.86 22.91
C GLY A 112 48.38 43.74 24.21
N GLY A 113 49.40 44.59 24.42
CA GLY A 113 50.14 44.55 25.65
C GLY A 113 51.08 45.71 25.64
N VAL A 114 51.79 45.94 26.76
CA VAL A 114 52.73 47.04 26.83
C VAL A 114 53.99 46.51 27.44
N HIS A 115 55.11 47.25 27.22
CA HIS A 115 56.40 46.86 27.76
C HIS A 115 56.78 45.50 27.22
N PRO A 116 57.08 45.44 25.94
CA PRO A 116 57.47 44.20 25.30
C PRO A 116 58.92 43.87 25.48
N GLN A 117 59.34 43.73 26.76
CA GLN A 117 60.72 43.41 27.08
C GLN A 117 61.58 44.55 26.61
N THR A 118 61.40 45.74 27.24
CA THR A 118 62.18 46.90 26.86
C THR A 118 63.07 47.26 28.01
N ALA A 119 63.36 46.27 28.88
CA ALA A 119 64.21 46.53 30.01
C ALA A 119 65.12 45.34 30.16
N ALA A 120 66.32 45.58 30.73
CA ALA A 120 67.26 44.51 30.92
C ALA A 120 68.09 44.89 32.11
N VAL A 121 68.75 43.87 32.72
CA VAL A 121 69.56 44.14 33.89
C VAL A 121 70.91 43.52 33.65
N SER A 122 71.92 44.01 34.38
CA SER A 122 73.25 43.48 34.23
C SER A 122 73.93 43.69 35.55
N ALA A 123 74.85 42.77 35.92
CA ALA A 123 75.53 42.91 37.16
C ALA A 123 76.88 42.25 37.01
N LEU A 124 77.83 42.65 37.87
CA LEU A 124 79.17 42.09 37.81
C LEU A 124 79.09 40.62 38.14
N SER A 125 78.27 40.26 39.15
CA SER A 125 78.14 38.87 39.54
C SER A 125 77.57 38.07 38.41
N ARG A 126 76.57 38.65 37.68
CA ARG A 126 75.95 37.95 36.58
C ARG A 126 76.97 37.74 35.49
N ARG A 127 77.84 38.74 35.26
CA ARG A 127 78.85 38.62 34.22
C ARG A 127 79.82 37.50 34.61
N GLY A 1 12.34 4.23 8.89
CA GLY A 1 12.64 5.67 8.99
C GLY A 1 12.06 6.22 10.25
N PRO A 2 12.33 7.48 10.48
CA PRO A 2 11.86 8.18 11.66
C PRO A 2 10.38 8.45 11.66
N GLY A 3 9.76 8.40 10.47
CA GLY A 3 8.34 8.67 10.38
C GLY A 3 8.18 10.15 10.26
N SER A 4 7.05 10.67 10.80
CA SER A 4 6.81 12.09 10.72
C SER A 4 6.21 12.50 12.03
N GLU A 5 6.71 13.62 12.59
CA GLU A 5 6.21 14.11 13.86
C GLU A 5 4.79 14.54 13.69
N ALA A 6 4.49 15.17 12.53
CA ALA A 6 3.17 15.67 12.26
C ALA A 6 2.16 14.55 12.22
N THR A 7 2.54 13.39 11.63
CA THR A 7 1.59 12.29 11.52
C THR A 7 1.31 11.70 12.87
N GLU A 8 2.31 11.63 13.77
CA GLU A 8 2.07 11.03 15.07
C GLU A 8 1.46 12.06 16.00
N GLU A 9 1.55 13.35 15.62
CA GLU A 9 1.02 14.40 16.46
C GLU A 9 -0.48 14.29 16.53
N ILE A 10 -1.14 13.96 15.40
CA ILE A 10 -2.58 13.90 15.39
C ILE A 10 -3.06 12.78 16.28
N ALA A 11 -2.39 11.60 16.27
CA ALA A 11 -2.84 10.52 17.12
C ALA A 11 -2.01 9.30 16.82
N ALA A 12 -0.66 9.43 16.85
CA ALA A 12 0.20 8.29 16.59
C ALA A 12 -0.09 7.76 15.20
N LEU A 13 -0.45 6.47 15.10
CA LEU A 13 -0.73 5.87 13.82
C LEU A 13 -2.20 5.60 13.75
N ASP A 14 -3.00 6.34 14.56
CA ASP A 14 -4.42 6.15 14.56
C ASP A 14 -5.04 7.14 13.61
N GLN A 15 -4.35 7.40 12.49
CA GLN A 15 -4.85 8.33 11.51
C GLN A 15 -6.04 7.69 10.83
N PRO A 16 -7.17 8.36 10.84
CA PRO A 16 -8.37 7.85 10.20
C PRO A 16 -8.16 7.64 8.72
N PHE A 17 -8.73 6.55 8.15
CA PHE A 17 -8.54 6.30 6.75
C PHE A 17 -9.74 5.54 6.25
N GLU A 18 -10.00 5.65 4.93
CA GLU A 18 -11.13 4.97 4.34
C GLU A 18 -10.65 4.14 3.18
N LYS A 19 -9.36 4.28 2.79
CA LYS A 19 -8.84 3.52 1.69
C LYS A 19 -7.91 2.51 2.29
N CYS A 20 -8.11 1.22 1.92
CA CYS A 20 -7.30 0.17 2.47
C CYS A 20 -6.58 -0.49 1.34
N PHE A 21 -5.41 -1.09 1.65
CA PHE A 21 -4.64 -1.75 0.64
C PHE A 21 -4.24 -3.09 1.17
N ILE A 22 -4.56 -4.16 0.42
CA ILE A 22 -4.21 -5.51 0.83
C ILE A 22 -3.32 -6.06 -0.26
N PRO A 23 -2.02 -6.04 -0.01
CA PRO A 23 -1.05 -6.51 -0.98
C PRO A 23 -1.01 -8.01 -1.14
N THR A 24 -0.63 -8.46 -2.35
CA THR A 24 -0.53 -9.87 -2.61
C THR A 24 0.82 -10.08 -3.24
N GLU A 25 1.45 -11.25 -2.99
CA GLU A 25 2.75 -11.50 -3.56
C GLU A 25 3.21 -12.87 -3.15
N ALA A 26 3.27 -13.12 -1.82
CA ALA A 26 3.74 -14.39 -1.32
C ALA A 26 2.60 -15.38 -1.31
N LEU A 27 1.40 -14.95 -1.74
CA LEU A 27 0.26 -15.83 -1.75
C LEU A 27 0.51 -16.92 -2.75
N GLY A 28 1.11 -16.58 -3.91
CA GLY A 28 1.38 -17.57 -4.91
C GLY A 28 0.95 -17.01 -6.22
N SER A 29 0.85 -17.88 -7.25
CA SER A 29 0.44 -17.43 -8.56
C SER A 29 -1.06 -17.39 -8.62
N ASP A 30 -1.72 -17.93 -7.58
CA ASP A 30 -3.16 -17.96 -7.53
C ASP A 30 -3.68 -16.56 -7.27
N ARG A 31 -2.79 -15.63 -6.86
CA ARG A 31 -3.21 -14.28 -6.58
C ARG A 31 -3.55 -13.61 -7.89
N GLU A 32 -3.06 -14.17 -9.02
CA GLU A 32 -3.34 -13.60 -10.31
C GLU A 32 -4.58 -14.25 -10.86
N GLY A 33 -5.25 -15.08 -10.03
CA GLY A 33 -6.44 -15.78 -10.47
C GLY A 33 -7.57 -15.16 -9.72
N LEU A 34 -7.34 -13.95 -9.19
CA LEU A 34 -8.34 -13.26 -8.44
C LEU A 34 -9.33 -12.67 -9.42
N ASP A 35 -10.48 -13.34 -9.58
CA ASP A 35 -11.49 -12.86 -10.50
C ASP A 35 -12.47 -12.06 -9.69
N ARG A 36 -13.09 -11.05 -10.32
CA ARG A 36 -14.03 -10.21 -9.62
C ARG A 36 -15.24 -10.99 -9.19
N THR A 37 -15.73 -11.91 -10.03
CA THR A 37 -16.91 -12.67 -9.67
C THR A 37 -16.64 -13.56 -8.48
N GLN A 38 -15.48 -14.25 -8.45
CA GLN A 38 -15.18 -15.11 -7.33
C GLN A 38 -14.87 -14.25 -6.13
N LEU A 39 -14.21 -13.09 -6.35
CA LEU A 39 -13.87 -12.22 -5.25
C LEU A 39 -15.12 -11.73 -4.59
N GLU A 40 -16.17 -11.43 -5.38
CA GLU A 40 -17.42 -10.95 -4.81
C GLU A 40 -18.00 -12.03 -3.91
N ARG A 41 -17.89 -13.31 -4.33
CA ARG A 41 -18.43 -14.40 -3.53
C ARG A 41 -17.24 -15.09 -2.92
N GLN A 42 -16.59 -14.42 -1.94
CA GLN A 42 -15.41 -14.99 -1.34
C GLN A 42 -15.38 -14.68 0.13
N LEU A 43 -14.14 -14.79 0.70
CA LEU A 43 -13.82 -14.54 2.09
C LEU A 43 -14.37 -13.17 2.52
N PRO A 44 -14.11 -12.76 3.77
CA PRO A 44 -14.59 -11.48 4.26
C PRO A 44 -14.33 -10.36 3.30
N PHE A 45 -15.41 -9.65 2.97
CA PHE A 45 -15.37 -8.56 2.03
C PHE A 45 -16.81 -8.26 1.77
N ARG A 46 -17.63 -9.33 1.87
CA ARG A 46 -19.04 -9.24 1.64
C ARG A 46 -19.71 -8.74 2.90
N ASN A 47 -18.96 -8.75 4.03
CA ASN A 47 -19.49 -8.34 5.31
C ASN A 47 -19.91 -6.89 5.24
N TYR A 48 -19.09 -6.04 4.57
CA TYR A 48 -19.43 -4.64 4.48
C TYR A 48 -19.22 -4.26 3.05
N PRO A 49 -19.94 -3.27 2.56
CA PRO A 49 -19.75 -2.80 1.20
C PRO A 49 -18.34 -2.37 1.00
N ILE A 50 -17.72 -2.82 -0.09
CA ILE A 50 -16.33 -2.48 -0.31
C ILE A 50 -16.06 -2.45 -1.78
N LYS A 51 -15.23 -1.46 -2.19
CA LYS A 51 -14.85 -1.36 -3.58
C LYS A 51 -13.66 -2.24 -3.73
N LEU A 52 -13.72 -3.22 -4.65
CA LEU A 52 -12.61 -4.11 -4.82
C LEU A 52 -12.12 -3.95 -6.23
N ASN A 53 -10.80 -3.71 -6.37
CA ASN A 53 -10.21 -3.56 -7.67
C ASN A 53 -8.99 -4.42 -7.67
N VAL A 54 -8.97 -5.45 -8.53
CA VAL A 54 -7.84 -6.34 -8.57
C VAL A 54 -6.72 -5.66 -9.32
N SER A 55 -5.49 -5.76 -8.77
CA SER A 55 -4.35 -5.16 -9.39
C SER A 55 -3.20 -6.09 -9.17
N LYS A 56 -2.11 -5.93 -9.96
CA LYS A 56 -0.96 -6.80 -9.81
C LYS A 56 -0.27 -6.49 -8.51
N SER A 57 -0.52 -5.29 -7.94
CA SER A 57 0.13 -4.92 -6.70
C SER A 57 -0.67 -5.44 -5.53
N GLY A 58 -1.92 -5.87 -5.76
CA GLY A 58 -2.73 -6.37 -4.67
C GLY A 58 -4.14 -6.02 -4.99
N ILE A 59 -4.99 -5.94 -3.94
CA ILE A 59 -6.38 -5.63 -4.15
C ILE A 59 -6.63 -4.30 -3.49
N PHE A 60 -7.15 -3.32 -4.25
CA PHE A 60 -7.45 -2.04 -3.70
C PHE A 60 -8.77 -2.15 -3.01
N CYS A 61 -8.88 -1.56 -1.81
CA CYS A 61 -10.11 -1.61 -1.08
C CYS A 61 -10.47 -0.20 -0.73
N GLN A 62 -11.70 0.22 -1.11
CA GLN A 62 -12.13 1.57 -0.81
C GLN A 62 -13.51 1.49 -0.25
N PHE A 63 -13.76 2.24 0.85
CA PHE A 63 -15.06 2.24 1.48
C PHE A 63 -15.65 3.60 1.31
N PRO A 64 -16.98 3.65 1.29
CA PRO A 64 -17.70 4.90 1.15
C PRO A 64 -17.62 5.78 2.37
N THR A 65 -17.26 5.20 3.53
CA THR A 65 -17.15 5.99 4.73
C THR A 65 -16.07 5.40 5.58
N VAL A 66 -15.50 6.28 6.42
CA VAL A 66 -14.41 5.93 7.30
C VAL A 66 -14.90 4.97 8.35
N SER A 67 -16.14 5.18 8.87
CA SER A 67 -16.65 4.35 9.93
C SER A 67 -16.73 2.90 9.48
N ASP A 68 -17.27 2.65 8.26
CA ASP A 68 -17.38 1.29 7.78
C ASP A 68 -15.99 0.74 7.57
N ALA A 69 -15.07 1.58 7.06
CA ALA A 69 -13.73 1.15 6.79
C ALA A 69 -13.05 0.72 8.06
N LYS A 70 -13.27 1.47 9.17
CA LYS A 70 -12.63 1.13 10.43
C LYS A 70 -13.13 -0.20 10.93
N ARG A 71 -14.44 -0.49 10.78
CA ARG A 71 -14.94 -1.76 11.28
C ARG A 71 -14.28 -2.89 10.55
N PHE A 72 -14.14 -2.77 9.22
CA PHE A 72 -13.54 -3.81 8.43
C PHE A 72 -12.06 -3.87 8.72
N TYR A 73 -11.40 -2.71 8.79
CA TYR A 73 -9.98 -2.66 9.03
C TYR A 73 -9.63 -3.26 10.37
N GLU A 74 -10.31 -2.80 11.43
CA GLU A 74 -9.99 -3.25 12.76
C GLU A 74 -10.46 -4.67 12.96
N GLU A 75 -11.65 -5.01 12.42
CA GLU A 75 -12.17 -6.35 12.61
C GLU A 75 -12.27 -7.00 11.26
N GLY A 76 -11.11 -7.17 10.58
CA GLY A 76 -11.14 -7.79 9.27
C GLY A 76 -10.51 -9.13 9.35
N THR A 77 -9.15 -9.16 9.51
CA THR A 77 -8.41 -10.42 9.56
C THR A 77 -8.96 -11.35 8.51
N VAL A 78 -8.79 -10.98 7.23
CA VAL A 78 -9.34 -11.78 6.17
C VAL A 78 -8.37 -12.89 5.87
N GLU A 79 -8.90 -14.04 5.38
CA GLU A 79 -8.06 -15.16 5.06
C GLU A 79 -8.26 -15.39 3.60
N ILE A 80 -7.18 -15.23 2.80
CA ILE A 80 -7.31 -15.39 1.39
C ILE A 80 -6.25 -16.35 0.94
N LEU A 81 -6.67 -17.40 0.19
CA LEU A 81 -5.76 -18.41 -0.30
C LEU A 81 -5.16 -19.14 0.87
N ASN A 82 -6.01 -19.42 1.89
CA ASN A 82 -5.58 -20.16 3.08
C ASN A 82 -4.48 -19.44 3.81
N ARG A 83 -4.46 -18.09 3.73
CA ARG A 83 -3.45 -17.33 4.43
C ARG A 83 -4.13 -16.13 5.01
N SER A 84 -3.84 -15.81 6.29
CA SER A 84 -4.45 -14.66 6.90
C SER A 84 -3.74 -13.46 6.34
N LEU A 85 -4.51 -12.47 5.88
CA LEU A 85 -3.92 -11.29 5.30
C LEU A 85 -4.42 -10.10 6.07
N PRO A 86 -3.50 -9.25 6.48
CA PRO A 86 -3.85 -8.05 7.22
C PRO A 86 -4.30 -6.95 6.32
N ILE A 87 -4.97 -5.94 6.91
CA ILE A 87 -5.44 -4.82 6.14
C ILE A 87 -4.51 -3.68 6.43
N LYS A 88 -3.88 -3.13 5.37
CA LYS A 88 -2.91 -2.09 5.54
C LYS A 88 -3.44 -0.78 4.98
N PRO A 89 -3.50 0.24 5.83
CA PRO A 89 -3.93 1.57 5.40
C PRO A 89 -2.95 2.23 4.49
N VAL A 90 -3.41 3.25 3.73
CA VAL A 90 -2.52 3.94 2.84
C VAL A 90 -2.37 5.35 3.35
N PHE A 91 -1.11 5.82 3.47
CA PHE A 91 -0.86 7.16 3.94
C PHE A 91 0.26 7.68 3.11
N GLU A 92 0.30 9.02 2.90
CA GLU A 92 1.36 9.60 2.12
C GLU A 92 2.42 10.02 3.09
N LYS A 93 3.69 9.72 2.74
CA LYS A 93 4.78 10.08 3.60
C LYS A 93 5.97 10.34 2.71
N ARG A 94 6.66 11.48 2.94
CA ARG A 94 7.81 11.84 2.14
C ARG A 94 8.92 10.86 2.39
N ASN A 95 9.08 10.43 3.65
CA ASN A 95 10.14 9.50 3.97
C ASN A 95 9.68 8.13 3.59
N GLU A 96 10.58 7.36 2.91
CA GLU A 96 10.24 6.03 2.49
C GLU A 96 11.39 5.16 2.88
N THR A 97 11.09 3.98 3.46
CA THR A 97 12.15 3.08 3.87
C THR A 97 11.97 1.81 3.08
N VAL A 98 13.06 1.36 2.42
CA VAL A 98 12.99 0.15 1.64
C VAL A 98 14.00 -0.78 2.22
N ALA A 99 13.54 -2.01 2.59
CA ALA A 99 14.43 -2.98 3.16
C ALA A 99 14.40 -4.20 2.28
N PRO A 100 15.37 -4.31 1.39
CA PRO A 100 15.45 -5.46 0.49
C PRO A 100 15.87 -6.71 1.19
N ALA A 101 15.38 -7.88 0.70
CA ALA A 101 15.73 -9.14 1.31
C ALA A 101 17.20 -9.38 1.17
N GLU A 102 17.77 -9.05 -0.02
CA GLU A 102 19.19 -9.25 -0.27
C GLU A 102 19.51 -10.71 -0.12
N ARG A 103 18.67 -11.58 -0.72
CA ARG A 103 18.90 -13.00 -0.62
C ARG A 103 19.30 -13.47 -1.99
N LYS A 104 20.35 -14.33 -2.03
CA LYS A 104 20.81 -14.87 -3.29
C LYS A 104 19.72 -15.72 -3.88
N ARG A 105 19.06 -16.54 -3.02
CA ARG A 105 17.99 -17.40 -3.46
C ARG A 105 18.58 -18.48 -4.32
N ARG A 106 17.72 -19.25 -5.02
CA ARG A 106 18.20 -20.31 -5.87
C ARG A 106 17.18 -20.51 -6.95
N ARG A 107 17.56 -21.24 -8.02
CA ARG A 107 16.65 -21.48 -9.10
C ARG A 107 16.35 -22.95 -9.10
N SER A 108 15.09 -23.30 -9.42
CA SER A 108 14.71 -24.68 -9.45
C SER A 108 13.62 -24.80 -10.47
N VAL A 109 13.60 -25.95 -11.20
CA VAL A 109 12.60 -26.14 -12.22
C VAL A 109 11.83 -27.36 -11.84
N SER A 110 10.48 -27.24 -11.78
CA SER A 110 9.64 -28.36 -11.44
C SER A 110 8.87 -28.71 -12.68
N PRO A 111 9.22 -29.82 -13.30
CA PRO A 111 8.56 -30.26 -14.51
C PRO A 111 7.31 -31.05 -14.22
N GLY A 112 6.31 -30.40 -13.61
CA GLY A 112 5.09 -31.08 -13.30
C GLY A 112 4.19 -30.10 -12.63
N GLY A 113 2.98 -30.54 -12.24
CA GLY A 113 2.06 -29.66 -11.58
C GLY A 113 1.28 -28.91 -12.61
N VAL A 114 1.51 -29.25 -13.91
CA VAL A 114 0.81 -28.57 -14.98
C VAL A 114 -0.01 -29.60 -15.68
N HIS A 115 -1.34 -29.37 -15.74
CA HIS A 115 -2.22 -30.30 -16.41
C HIS A 115 -3.09 -29.50 -17.33
N PRO A 116 -2.69 -29.38 -18.58
CA PRO A 116 -3.44 -28.63 -19.57
C PRO A 116 -4.84 -29.17 -19.77
N GLN A 117 -5.83 -28.26 -19.90
CA GLN A 117 -7.19 -28.68 -20.09
C GLN A 117 -7.30 -29.32 -21.45
N THR A 118 -6.61 -28.74 -22.45
CA THR A 118 -6.64 -29.29 -23.79
C THR A 118 -5.23 -29.50 -24.22
N ALA A 119 -4.94 -30.71 -24.73
CA ALA A 119 -3.60 -31.01 -25.17
C ALA A 119 -3.73 -31.96 -26.32
N ALA A 120 -2.76 -31.92 -27.26
CA ALA A 120 -2.82 -32.79 -28.39
C ALA A 120 -1.41 -32.95 -28.89
N VAL A 121 -1.16 -34.06 -29.60
CA VAL A 121 0.16 -34.31 -30.14
C VAL A 121 -0.04 -34.96 -31.47
N SER A 122 0.84 -34.64 -32.44
CA SER A 122 0.71 -35.23 -33.75
C SER A 122 1.55 -36.47 -33.77
N ALA A 123 0.88 -37.64 -33.69
CA ALA A 123 1.58 -38.89 -33.70
C ALA A 123 0.60 -39.93 -34.11
N LEU A 124 1.09 -41.05 -34.68
CA LEU A 124 0.22 -42.11 -35.11
C LEU A 124 0.53 -43.30 -34.26
N SER A 125 -0.53 -44.00 -33.81
CA SER A 125 -0.33 -45.16 -32.98
C SER A 125 -1.50 -46.07 -33.21
N ARG A 126 -1.27 -47.39 -33.15
CA ARG A 126 -2.34 -48.33 -33.35
C ARG A 126 -2.78 -48.80 -31.99
N ARG A 127 -4.08 -48.58 -31.68
CA ARG A 127 -4.63 -48.99 -30.40
C ARG A 127 -3.81 -48.29 -29.29
N GLY A 1 14.93 11.37 4.42
CA GLY A 1 13.71 10.78 3.82
C GLY A 1 13.02 11.81 2.99
N PRO A 2 11.93 11.38 2.39
CA PRO A 2 11.11 12.25 1.53
C PRO A 2 10.62 13.49 2.23
N GLY A 3 10.23 13.36 3.51
CA GLY A 3 9.75 14.50 4.23
C GLY A 3 9.37 14.03 5.59
N SER A 4 8.96 14.98 6.46
CA SER A 4 8.56 14.63 7.79
C SER A 4 7.67 15.74 8.28
N GLU A 5 6.69 15.38 9.15
CA GLU A 5 5.77 16.35 9.71
C GLU A 5 4.68 16.66 8.71
N ALA A 6 4.89 16.25 7.44
CA ALA A 6 3.91 16.50 6.40
C ALA A 6 2.63 15.78 6.74
N THR A 7 2.75 14.55 7.27
CA THR A 7 1.57 13.78 7.59
C THR A 7 1.03 14.23 8.93
N GLU A 8 1.76 15.10 9.64
CA GLU A 8 1.30 15.56 10.94
C GLU A 8 0.52 16.84 10.77
N GLU A 9 0.55 17.44 9.56
CA GLU A 9 -0.17 18.68 9.35
C GLU A 9 -1.58 18.36 8.97
N ILE A 10 -1.80 17.21 8.29
CA ILE A 10 -3.14 16.86 7.88
C ILE A 10 -3.87 16.34 9.07
N ALA A 11 -3.16 15.64 9.98
CA ALA A 11 -3.79 15.13 11.16
C ALA A 11 -2.71 14.79 12.13
N ALA A 12 -3.05 14.72 13.43
CA ALA A 12 -2.08 14.40 14.43
C ALA A 12 -1.96 12.89 14.50
N LEU A 13 -1.86 12.33 15.73
CA LEU A 13 -1.74 10.91 15.87
C LEU A 13 -3.13 10.34 15.79
N ASP A 14 -3.63 10.20 14.54
CA ASP A 14 -4.94 9.64 14.34
C ASP A 14 -4.90 8.97 12.99
N GLN A 15 -4.51 9.75 11.95
CA GLN A 15 -4.41 9.25 10.59
C GLN A 15 -5.64 8.42 10.25
N PRO A 16 -6.76 9.10 10.04
CA PRO A 16 -8.02 8.42 9.74
C PRO A 16 -7.93 7.53 8.53
N PHE A 17 -8.62 6.37 8.58
CA PHE A 17 -8.59 5.45 7.48
C PHE A 17 -9.48 5.99 6.40
N GLU A 18 -8.96 6.00 5.16
CA GLU A 18 -9.71 6.47 4.04
C GLU A 18 -9.69 5.41 2.98
N LYS A 19 -8.55 4.70 2.85
CA LYS A 19 -8.43 3.68 1.85
C LYS A 19 -7.50 2.65 2.43
N CYS A 20 -7.75 1.36 2.12
CA CYS A 20 -6.93 0.30 2.65
C CYS A 20 -6.30 -0.43 1.50
N PHE A 21 -5.15 -1.07 1.78
CA PHE A 21 -4.44 -1.80 0.76
C PHE A 21 -4.03 -3.12 1.35
N ILE A 22 -4.34 -4.23 0.64
CA ILE A 22 -3.97 -5.54 1.11
C ILE A 22 -3.03 -6.12 0.07
N PRO A 23 -1.75 -6.12 0.37
CA PRO A 23 -0.74 -6.62 -0.55
C PRO A 23 -0.71 -8.11 -0.66
N THR A 24 -0.17 -8.60 -1.81
CA THR A 24 -0.05 -10.01 -2.03
C THR A 24 1.35 -10.28 -2.45
N GLU A 25 1.85 -11.51 -2.20
CA GLU A 25 3.20 -11.82 -2.58
C GLU A 25 3.35 -13.32 -2.51
N ALA A 26 3.12 -13.90 -1.31
CA ALA A 26 3.25 -15.32 -1.14
C ALA A 26 1.89 -15.92 -1.21
N LEU A 27 1.15 -15.61 -2.30
CA LEU A 27 -0.19 -16.14 -2.45
C LEU A 27 -0.20 -16.97 -3.71
N GLY A 28 1.00 -17.34 -4.21
CA GLY A 28 1.07 -18.13 -5.42
C GLY A 28 0.77 -17.25 -6.58
N SER A 29 0.21 -17.84 -7.66
CA SER A 29 -0.12 -17.08 -8.84
C SER A 29 -1.61 -16.91 -8.88
N ASP A 30 -2.28 -17.25 -7.77
CA ASP A 30 -3.72 -17.16 -7.70
C ASP A 30 -4.15 -15.72 -7.74
N ARG A 31 -3.26 -14.77 -7.34
CA ARG A 31 -3.63 -13.38 -7.33
C ARG A 31 -3.52 -12.85 -8.75
N GLU A 32 -2.78 -13.59 -9.59
CA GLU A 32 -2.61 -13.19 -10.97
C GLU A 32 -3.76 -13.75 -11.76
N GLY A 33 -4.70 -14.44 -11.07
CA GLY A 33 -5.83 -15.02 -11.74
C GLY A 33 -7.02 -14.67 -10.91
N LEU A 34 -7.01 -13.43 -10.40
CA LEU A 34 -8.09 -12.97 -9.56
C LEU A 34 -9.25 -12.65 -10.45
N ASP A 35 -10.35 -13.41 -10.29
CA ASP A 35 -11.53 -13.21 -11.09
C ASP A 35 -12.48 -12.40 -10.26
N ARG A 36 -13.00 -11.30 -10.82
CA ARG A 36 -13.90 -10.44 -10.09
C ARG A 36 -15.14 -11.22 -9.71
N THR A 37 -15.65 -12.08 -10.63
CA THR A 37 -16.84 -12.84 -10.34
C THR A 37 -16.60 -13.74 -9.16
N GLN A 38 -15.45 -14.45 -9.14
CA GLN A 38 -15.13 -15.34 -8.05
C GLN A 38 -14.92 -14.53 -6.80
N LEU A 39 -14.29 -13.34 -6.95
CA LEU A 39 -14.02 -12.48 -5.83
C LEU A 39 -15.31 -12.06 -5.17
N GLU A 40 -16.37 -11.82 -5.97
CA GLU A 40 -17.65 -11.42 -5.39
C GLU A 40 -18.17 -12.52 -4.50
N ARG A 41 -18.02 -13.79 -4.93
CA ARG A 41 -18.50 -14.90 -4.12
C ARG A 41 -17.29 -15.59 -3.56
N GLN A 42 -16.58 -14.88 -2.66
CA GLN A 42 -15.37 -15.39 -2.08
C GLN A 42 -15.46 -15.25 -0.58
N LEU A 43 -14.26 -15.29 0.06
CA LEU A 43 -14.09 -15.15 1.50
C LEU A 43 -14.85 -13.92 1.98
N PRO A 44 -14.87 -13.69 3.30
CA PRO A 44 -15.60 -12.53 3.84
C PRO A 44 -15.09 -11.21 3.35
N PHE A 45 -15.75 -10.69 2.30
CA PHE A 45 -15.44 -9.41 1.74
C PHE A 45 -16.77 -8.78 1.49
N ARG A 46 -17.82 -9.45 2.01
CA ARG A 46 -19.18 -9.03 1.78
C ARG A 46 -19.75 -8.59 3.09
N ASN A 47 -18.98 -8.75 4.18
CA ASN A 47 -19.45 -8.37 5.50
C ASN A 47 -19.70 -6.88 5.52
N TYR A 48 -18.82 -6.10 4.87
CA TYR A 48 -19.00 -4.67 4.83
C TYR A 48 -18.82 -4.27 3.40
N PRO A 49 -19.45 -3.20 2.98
CA PRO A 49 -19.29 -2.70 1.63
C PRO A 49 -17.85 -2.41 1.36
N ILE A 50 -17.34 -2.84 0.21
CA ILE A 50 -15.95 -2.62 -0.05
C ILE A 50 -15.73 -2.55 -1.53
N LYS A 51 -14.85 -1.61 -1.96
CA LYS A 51 -14.52 -1.48 -3.35
C LYS A 51 -13.32 -2.35 -3.54
N LEU A 52 -13.41 -3.33 -4.45
CA LEU A 52 -12.28 -4.20 -4.67
C LEU A 52 -11.80 -3.99 -6.07
N ASN A 53 -10.55 -3.51 -6.19
CA ASN A 53 -9.95 -3.30 -7.48
C ASN A 53 -8.85 -4.30 -7.58
N VAL A 54 -8.97 -5.25 -8.53
CA VAL A 54 -7.98 -6.29 -8.69
C VAL A 54 -6.74 -5.68 -9.28
N SER A 55 -5.58 -6.15 -8.78
CA SER A 55 -4.31 -5.67 -9.28
C SER A 55 -3.31 -6.75 -9.03
N LYS A 56 -2.22 -6.77 -9.83
CA LYS A 56 -1.19 -7.77 -9.67
C LYS A 56 -0.56 -7.61 -8.31
N SER A 57 -0.35 -6.34 -7.88
CA SER A 57 0.28 -6.09 -6.59
C SER A 57 -0.59 -6.58 -5.47
N GLY A 58 -1.93 -6.58 -5.68
CA GLY A 58 -2.82 -7.04 -4.64
C GLY A 58 -4.17 -6.48 -4.92
N ILE A 59 -4.99 -6.31 -3.87
CA ILE A 59 -6.31 -5.79 -4.05
C ILE A 59 -6.42 -4.51 -3.29
N PHE A 60 -7.06 -3.50 -3.92
CA PHE A 60 -7.25 -2.23 -3.28
C PHE A 60 -8.56 -2.30 -2.58
N CYS A 61 -8.64 -1.74 -1.35
CA CYS A 61 -9.87 -1.78 -0.62
C CYS A 61 -10.24 -0.37 -0.28
N GLN A 62 -11.31 0.14 -0.92
CA GLN A 62 -11.75 1.49 -0.65
C GLN A 62 -13.12 1.39 -0.06
N PHE A 63 -13.36 2.13 1.05
CA PHE A 63 -14.63 2.09 1.71
C PHE A 63 -15.28 3.43 1.56
N PRO A 64 -16.60 3.44 1.53
CA PRO A 64 -17.36 4.66 1.39
C PRO A 64 -17.33 5.54 2.60
N THR A 65 -17.11 4.95 3.79
CA THR A 65 -17.07 5.75 5.00
C THR A 65 -15.86 5.37 5.79
N VAL A 66 -15.39 6.30 6.64
CA VAL A 66 -14.23 6.07 7.46
C VAL A 66 -14.56 5.04 8.51
N SER A 67 -15.78 5.11 9.08
CA SER A 67 -16.17 4.19 10.12
C SER A 67 -16.14 2.78 9.60
N ASP A 68 -16.64 2.55 8.37
CA ASP A 68 -16.66 1.20 7.82
C ASP A 68 -15.24 0.74 7.66
N ALA A 69 -14.33 1.64 7.22
CA ALA A 69 -12.94 1.26 7.02
C ALA A 69 -12.34 0.86 8.34
N LYS A 70 -12.63 1.62 9.42
CA LYS A 70 -12.06 1.31 10.72
C LYS A 70 -12.61 0.00 11.22
N ARG A 71 -13.91 -0.29 11.00
CA ARG A 71 -14.47 -1.54 11.48
C ARG A 71 -13.79 -2.67 10.78
N PHE A 72 -13.57 -2.53 9.46
CA PHE A 72 -12.91 -3.57 8.69
C PHE A 72 -11.48 -3.68 9.14
N TYR A 73 -10.82 -2.54 9.39
CA TYR A 73 -9.44 -2.57 9.80
C TYR A 73 -9.30 -3.25 11.15
N GLU A 74 -10.10 -2.83 12.15
CA GLU A 74 -9.99 -3.37 13.48
C GLU A 74 -10.53 -4.78 13.58
N GLU A 75 -11.65 -5.09 12.90
CA GLU A 75 -12.22 -6.41 13.01
C GLU A 75 -12.66 -6.90 11.67
N GLY A 76 -11.75 -6.87 10.68
CA GLY A 76 -12.11 -7.32 9.35
C GLY A 76 -10.98 -8.13 8.80
N THR A 77 -10.30 -8.92 9.66
CA THR A 77 -9.21 -9.75 9.18
C THR A 77 -9.76 -10.66 8.14
N VAL A 78 -8.99 -10.89 7.05
CA VAL A 78 -9.50 -11.71 5.98
C VAL A 78 -8.71 -12.99 5.95
N GLU A 79 -9.33 -14.04 5.37
CA GLU A 79 -8.69 -15.32 5.25
C GLU A 79 -8.79 -15.67 3.80
N ILE A 80 -7.69 -15.51 3.05
CA ILE A 80 -7.73 -15.79 1.63
C ILE A 80 -6.60 -16.75 1.33
N LEU A 81 -6.95 -17.88 0.69
CA LEU A 81 -5.97 -18.90 0.34
C LEU A 81 -5.38 -19.45 1.61
N ASN A 82 -6.22 -19.54 2.69
CA ASN A 82 -5.76 -20.07 3.96
C ASN A 82 -4.60 -19.24 4.45
N ARG A 83 -4.67 -17.91 4.21
CA ARG A 83 -3.62 -17.02 4.63
C ARG A 83 -4.30 -15.85 5.27
N SER A 84 -3.88 -15.48 6.49
CA SER A 84 -4.48 -14.35 7.16
C SER A 84 -3.74 -13.14 6.70
N LEU A 85 -4.49 -12.13 6.20
CA LEU A 85 -3.87 -10.93 5.72
C LEU A 85 -4.47 -9.78 6.46
N PRO A 86 -3.62 -8.89 6.94
CA PRO A 86 -4.06 -7.73 7.69
C PRO A 86 -4.46 -6.60 6.79
N ILE A 87 -5.11 -5.58 7.39
CA ILE A 87 -5.56 -4.44 6.65
C ILE A 87 -4.53 -3.35 6.85
N LYS A 88 -3.91 -2.91 5.74
CA LYS A 88 -2.89 -1.89 5.80
C LYS A 88 -3.42 -0.63 5.17
N PRO A 89 -3.50 0.43 5.95
CA PRO A 89 -3.98 1.72 5.44
C PRO A 89 -2.99 2.41 4.57
N VAL A 90 -3.48 3.33 3.72
CA VAL A 90 -2.60 4.08 2.87
C VAL A 90 -2.79 5.51 3.28
N PHE A 91 -1.68 6.28 3.34
CA PHE A 91 -1.77 7.66 3.72
C PHE A 91 -0.97 8.45 2.74
N GLU A 92 -1.42 9.68 2.44
CA GLU A 92 -0.71 10.51 1.50
C GLU A 92 0.33 11.27 2.26
N LYS A 93 1.50 11.49 1.62
CA LYS A 93 2.57 12.20 2.26
C LYS A 93 3.12 13.14 1.24
N ARG A 94 3.27 14.43 1.62
CA ARG A 94 3.80 15.41 0.71
C ARG A 94 5.29 15.23 0.64
N ASN A 95 5.85 15.36 -0.58
CA ASN A 95 7.27 15.22 -0.74
C ASN A 95 7.88 16.58 -0.61
N GLU A 96 8.38 16.90 0.61
CA GLU A 96 8.99 18.19 0.83
C GLU A 96 9.97 18.03 1.94
N THR A 97 11.23 18.46 1.71
CA THR A 97 12.24 18.35 2.73
C THR A 97 13.26 19.40 2.45
N VAL A 98 14.07 19.74 3.48
CA VAL A 98 15.09 20.74 3.30
C VAL A 98 16.29 20.25 4.06
N ALA A 99 17.50 20.43 3.44
CA ALA A 99 18.73 19.98 4.07
C ALA A 99 18.63 18.51 4.38
N PRO A 100 18.50 17.70 3.35
CA PRO A 100 18.37 16.27 3.52
C PRO A 100 19.64 15.61 3.94
N ALA A 101 19.53 14.50 4.70
CA ALA A 101 20.70 13.80 5.14
C ALA A 101 20.30 12.36 5.31
N GLU A 102 21.26 11.44 5.10
CA GLU A 102 21.00 10.03 5.23
C GLU A 102 22.18 9.43 5.91
N ARG A 103 21.97 8.33 6.65
CA ARG A 103 23.05 7.68 7.34
C ARG A 103 23.19 6.30 6.76
N LYS A 104 24.45 5.82 6.68
CA LYS A 104 24.70 4.51 6.15
C LYS A 104 25.48 3.76 7.17
N ARG A 105 25.27 2.43 7.26
CA ARG A 105 25.99 1.63 8.22
C ARG A 105 27.45 1.67 7.89
N ARG A 106 27.77 1.58 6.56
CA ARG A 106 29.14 1.63 6.11
C ARG A 106 29.88 0.43 6.67
N ARG A 107 29.17 -0.70 6.81
CA ARG A 107 29.78 -1.89 7.33
C ARG A 107 29.39 -3.03 6.44
N SER A 108 30.25 -4.05 6.33
CA SER A 108 29.97 -5.18 5.49
C SER A 108 30.59 -6.37 6.14
N VAL A 109 29.93 -7.54 6.02
CA VAL A 109 30.45 -8.75 6.61
C VAL A 109 30.93 -9.63 5.50
N SER A 110 30.91 -9.12 4.25
CA SER A 110 31.36 -9.91 3.12
C SER A 110 32.22 -9.03 2.26
N PRO A 111 33.46 -8.86 2.66
CA PRO A 111 34.42 -8.04 1.91
C PRO A 111 34.65 -8.54 0.52
N GLY A 112 34.82 -7.61 -0.43
CA GLY A 112 35.06 -8.00 -1.81
C GLY A 112 36.53 -8.17 -1.98
N GLY A 113 36.95 -8.55 -3.21
CA GLY A 113 38.36 -8.75 -3.47
C GLY A 113 38.50 -9.05 -4.92
N VAL A 114 39.75 -9.22 -5.38
CA VAL A 114 40.00 -9.52 -6.76
C VAL A 114 40.78 -10.80 -6.80
N HIS A 115 40.30 -11.78 -7.59
CA HIS A 115 40.98 -13.05 -7.68
C HIS A 115 42.15 -12.87 -8.61
N PRO A 116 43.21 -13.62 -8.35
CA PRO A 116 44.42 -13.55 -9.16
C PRO A 116 44.31 -14.21 -10.50
N GLN A 117 43.33 -15.13 -10.67
CA GLN A 117 43.18 -15.81 -11.93
C GLN A 117 42.37 -14.95 -12.85
N THR A 118 43.01 -13.88 -13.39
CA THR A 118 42.32 -13.01 -14.30
C THR A 118 42.78 -13.32 -15.69
N ALA A 119 43.72 -14.28 -15.82
CA ALA A 119 44.23 -14.67 -17.12
C ALA A 119 43.11 -15.26 -17.92
N ALA A 120 42.26 -16.08 -17.27
CA ALA A 120 41.17 -16.70 -17.98
C ALA A 120 40.10 -17.00 -16.97
N VAL A 121 38.83 -17.03 -17.41
CA VAL A 121 37.73 -17.31 -16.52
C VAL A 121 37.89 -18.74 -16.04
N SER A 122 38.22 -19.66 -16.96
CA SER A 122 38.38 -21.03 -16.58
C SER A 122 39.33 -21.65 -17.55
N ALA A 123 39.91 -22.82 -17.19
CA ALA A 123 40.82 -23.49 -18.07
C ALA A 123 40.04 -24.06 -19.22
N LEU A 124 40.66 -24.07 -20.42
CA LEU A 124 39.98 -24.59 -21.58
C LEU A 124 40.55 -25.96 -21.83
N SER A 125 39.67 -26.98 -21.84
CA SER A 125 40.12 -28.34 -22.07
C SER A 125 40.47 -28.48 -23.53
N ARG A 126 41.31 -29.48 -23.86
CA ARG A 126 41.72 -29.70 -25.22
C ARG A 126 41.49 -31.14 -25.52
N ARG A 127 41.17 -31.45 -26.80
CA ARG A 127 40.93 -32.83 -27.17
C ARG A 127 41.65 -33.05 -28.51
N GLY A 1 -13.20 28.04 1.20
CA GLY A 1 -14.48 28.32 1.91
C GLY A 1 -14.82 27.17 2.80
N PRO A 2 -15.98 27.26 3.40
CA PRO A 2 -16.49 26.22 4.30
C PRO A 2 -16.65 24.89 3.62
N GLY A 3 -16.37 23.81 4.37
CA GLY A 3 -16.49 22.50 3.80
C GLY A 3 -16.19 21.52 4.89
N SER A 4 -16.22 20.21 4.55
CA SER A 4 -15.94 19.18 5.53
C SER A 4 -14.50 19.31 5.96
N GLU A 5 -13.60 19.60 4.99
CA GLU A 5 -12.19 19.75 5.30
C GLU A 5 -11.65 18.42 5.72
N ALA A 6 -11.91 17.37 4.89
CA ALA A 6 -11.45 16.05 5.21
C ALA A 6 -10.12 15.82 4.54
N THR A 7 -9.59 16.86 3.85
CA THR A 7 -8.32 16.71 3.17
C THR A 7 -7.24 17.17 4.13
N GLU A 8 -6.50 18.24 3.77
CA GLU A 8 -5.44 18.76 4.60
C GLU A 8 -4.39 17.69 4.77
N GLU A 9 -4.07 16.96 3.68
CA GLU A 9 -3.06 15.92 3.74
C GLU A 9 -3.55 14.79 4.61
N ILE A 10 -4.90 14.67 4.75
CA ILE A 10 -5.51 13.63 5.56
C ILE A 10 -5.28 13.95 7.01
N ALA A 11 -4.75 15.16 7.32
CA ALA A 11 -4.53 15.52 8.70
C ALA A 11 -5.75 16.21 9.20
N ALA A 12 -6.92 15.66 8.81
CA ALA A 12 -8.19 16.22 9.23
C ALA A 12 -8.31 16.09 10.71
N LEU A 13 -7.85 14.93 11.26
CA LEU A 13 -7.94 14.73 12.68
C LEU A 13 -6.71 13.99 13.12
N ASP A 14 -6.56 12.72 12.69
CA ASP A 14 -5.41 11.95 13.09
C ASP A 14 -5.11 10.97 11.99
N GLN A 15 -5.29 11.40 10.72
CA GLN A 15 -5.04 10.54 9.59
C GLN A 15 -5.85 9.28 9.72
N PRO A 16 -7.16 9.43 9.62
CA PRO A 16 -8.07 8.31 9.72
C PRO A 16 -8.06 7.44 8.51
N PHE A 17 -8.61 6.21 8.63
CA PHE A 17 -8.63 5.30 7.51
C PHE A 17 -9.57 5.84 6.49
N GLU A 18 -9.14 5.78 5.22
CA GLU A 18 -9.96 6.27 4.13
C GLU A 18 -9.87 5.27 3.01
N LYS A 19 -8.67 4.68 2.82
CA LYS A 19 -8.49 3.72 1.75
C LYS A 19 -7.53 2.69 2.30
N CYS A 20 -7.76 1.41 1.96
CA CYS A 20 -6.91 0.36 2.46
C CYS A 20 -6.31 -0.36 1.29
N PHE A 21 -5.15 -0.99 1.53
CA PHE A 21 -4.45 -1.70 0.49
C PHE A 21 -4.05 -3.04 1.05
N ILE A 22 -4.42 -4.13 0.35
CA ILE A 22 -4.07 -5.46 0.79
C ILE A 22 -3.23 -6.06 -0.30
N PRO A 23 -1.92 -6.08 -0.10
CA PRO A 23 -1.00 -6.62 -1.09
C PRO A 23 -1.02 -8.12 -1.21
N THR A 24 -0.72 -8.61 -2.42
CA THR A 24 -0.70 -10.03 -2.66
C THR A 24 0.60 -10.32 -3.37
N GLU A 25 1.28 -11.42 -2.97
CA GLU A 25 2.52 -11.76 -3.63
C GLU A 25 3.00 -13.08 -3.10
N ALA A 26 3.01 -13.24 -1.76
CA ALA A 26 3.49 -14.48 -1.17
C ALA A 26 2.36 -15.46 -1.07
N LEU A 27 1.14 -15.05 -1.51
CA LEU A 27 0.01 -15.92 -1.45
C LEU A 27 0.23 -17.10 -2.37
N GLY A 28 0.82 -16.85 -3.55
CA GLY A 28 1.07 -17.94 -4.47
C GLY A 28 0.81 -17.41 -5.85
N SER A 29 0.57 -18.34 -6.81
CA SER A 29 0.31 -17.94 -8.17
C SER A 29 -1.18 -17.73 -8.32
N ASP A 30 -1.95 -18.17 -7.31
CA ASP A 30 -3.38 -18.04 -7.33
C ASP A 30 -3.76 -16.58 -7.34
N ARG A 31 -2.98 -15.74 -6.61
CA ARG A 31 -3.29 -14.32 -6.54
C ARG A 31 -3.07 -13.68 -7.88
N GLU A 32 -2.33 -14.35 -8.79
CA GLU A 32 -2.10 -13.78 -10.10
C GLU A 32 -3.29 -14.09 -10.95
N GLY A 33 -4.42 -13.42 -10.66
CA GLY A 33 -5.63 -13.64 -11.40
C GLY A 33 -6.68 -12.78 -10.80
N LEU A 34 -7.37 -13.32 -9.77
CA LEU A 34 -8.42 -12.59 -9.08
C LEU A 34 -9.54 -12.32 -10.06
N ASP A 35 -10.44 -13.31 -10.22
CA ASP A 35 -11.54 -13.15 -11.14
C ASP A 35 -12.61 -12.41 -10.40
N ARG A 36 -13.33 -11.52 -11.10
CA ARG A 36 -14.37 -10.73 -10.47
C ARG A 36 -15.46 -11.65 -9.97
N THR A 37 -15.80 -12.69 -10.76
CA THR A 37 -16.86 -13.60 -10.37
C THR A 37 -16.43 -14.40 -9.16
N GLN A 38 -15.15 -14.85 -9.13
CA GLN A 38 -14.66 -15.63 -8.02
C GLN A 38 -14.57 -14.73 -6.81
N LEU A 39 -14.15 -13.48 -7.04
CA LEU A 39 -13.99 -12.52 -5.98
C LEU A 39 -15.33 -12.25 -5.34
N GLU A 40 -16.41 -12.23 -6.16
CA GLU A 40 -17.74 -11.96 -5.62
C GLU A 40 -18.10 -13.05 -4.62
N ARG A 41 -17.77 -14.32 -4.93
CA ARG A 41 -18.09 -15.41 -4.02
C ARG A 41 -16.78 -15.87 -3.43
N GLN A 42 -16.15 -14.99 -2.64
CA GLN A 42 -14.87 -15.28 -2.04
C GLN A 42 -14.96 -15.03 -0.56
N LEU A 43 -13.77 -14.85 0.06
CA LEU A 43 -13.61 -14.56 1.48
C LEU A 43 -14.53 -13.44 1.89
N PRO A 44 -14.65 -13.18 3.19
CA PRO A 44 -15.51 -12.12 3.67
C PRO A 44 -15.08 -10.75 3.24
N PHE A 45 -15.70 -10.27 2.14
CA PHE A 45 -15.44 -8.95 1.62
C PHE A 45 -16.81 -8.36 1.45
N ARG A 46 -17.81 -9.10 1.95
CA ARG A 46 -19.19 -8.72 1.79
C ARG A 46 -19.74 -8.36 3.14
N ASN A 47 -18.91 -8.51 4.19
CA ASN A 47 -19.35 -8.20 5.53
C ASN A 47 -19.58 -6.71 5.65
N TYR A 48 -18.78 -5.90 4.95
CA TYR A 48 -18.95 -4.47 4.98
C TYR A 48 -18.83 -4.02 3.56
N PRO A 49 -19.47 -2.92 3.21
CA PRO A 49 -19.37 -2.39 1.86
C PRO A 49 -17.93 -2.10 1.54
N ILE A 50 -17.48 -2.51 0.35
CA ILE A 50 -16.09 -2.29 0.03
C ILE A 50 -15.94 -2.28 -1.46
N LYS A 51 -15.08 -1.36 -1.95
CA LYS A 51 -14.81 -1.25 -3.35
C LYS A 51 -13.62 -2.15 -3.58
N LEU A 52 -13.75 -3.12 -4.50
CA LEU A 52 -12.66 -4.02 -4.76
C LEU A 52 -12.19 -3.78 -6.17
N ASN A 53 -10.87 -3.57 -6.32
CA ASN A 53 -10.31 -3.37 -7.63
C ASN A 53 -9.18 -4.35 -7.72
N VAL A 54 -9.27 -5.28 -8.70
CA VAL A 54 -8.24 -6.28 -8.84
C VAL A 54 -7.02 -5.64 -9.44
N SER A 55 -5.83 -6.08 -8.98
CA SER A 55 -4.60 -5.54 -9.48
C SER A 55 -3.54 -6.55 -9.15
N LYS A 56 -2.45 -6.56 -9.96
CA LYS A 56 -1.37 -7.50 -9.73
C LYS A 56 -0.73 -7.20 -8.40
N SER A 57 -0.61 -5.90 -8.06
CA SER A 57 0.02 -5.50 -6.81
C SER A 57 -0.76 -6.04 -5.65
N GLY A 58 -2.09 -6.01 -5.73
CA GLY A 58 -2.91 -6.50 -4.65
C GLY A 58 -4.31 -6.09 -4.92
N ILE A 59 -5.15 -6.10 -3.87
CA ILE A 59 -6.53 -5.73 -4.05
C ILE A 59 -6.72 -4.40 -3.37
N PHE A 60 -7.23 -3.40 -4.12
CA PHE A 60 -7.47 -2.11 -3.55
C PHE A 60 -8.75 -2.19 -2.79
N CYS A 61 -8.79 -1.57 -1.60
CA CYS A 61 -9.99 -1.59 -0.81
C CYS A 61 -10.35 -0.17 -0.48
N GLN A 62 -11.46 0.33 -1.06
CA GLN A 62 -11.88 1.68 -0.79
C GLN A 62 -13.24 1.58 -0.16
N PHE A 63 -13.44 2.32 0.95
CA PHE A 63 -14.70 2.27 1.65
C PHE A 63 -15.38 3.60 1.51
N PRO A 64 -16.70 3.58 1.49
CA PRO A 64 -17.48 4.80 1.37
C PRO A 64 -17.49 5.64 2.61
N THR A 65 -17.24 5.01 3.79
CA THR A 65 -17.24 5.77 5.02
C THR A 65 -16.01 5.39 5.80
N VAL A 66 -15.58 6.31 6.68
CA VAL A 66 -14.40 6.09 7.49
C VAL A 66 -14.69 5.01 8.51
N SER A 67 -15.91 5.04 9.11
CA SER A 67 -16.25 4.07 10.13
C SER A 67 -16.22 2.68 9.57
N ASP A 68 -16.71 2.47 8.33
CA ASP A 68 -16.72 1.14 7.76
C ASP A 68 -15.29 0.68 7.58
N ALA A 69 -14.41 1.59 7.13
CA ALA A 69 -13.02 1.22 6.91
C ALA A 69 -12.38 0.87 8.23
N LYS A 70 -12.66 1.66 9.29
CA LYS A 70 -12.06 1.40 10.57
C LYS A 70 -12.54 0.09 11.11
N ARG A 71 -13.85 -0.21 11.00
CA ARG A 71 -14.37 -1.46 11.52
C ARG A 71 -13.76 -2.61 10.76
N PHE A 72 -13.64 -2.45 9.43
CA PHE A 72 -13.07 -3.51 8.61
C PHE A 72 -11.65 -3.74 9.03
N TYR A 73 -10.89 -2.66 9.25
CA TYR A 73 -9.50 -2.77 9.64
C TYR A 73 -9.37 -3.39 11.02
N GLU A 74 -10.11 -2.87 12.01
CA GLU A 74 -9.97 -3.34 13.38
C GLU A 74 -10.50 -4.73 13.54
N GLU A 75 -11.65 -5.04 12.91
CA GLU A 75 -12.21 -6.36 13.07
C GLU A 75 -12.46 -6.92 11.70
N GLY A 76 -11.36 -7.19 10.96
CA GLY A 76 -11.50 -7.74 9.64
C GLY A 76 -10.81 -9.06 9.61
N THR A 77 -9.45 -9.06 9.70
CA THR A 77 -8.67 -10.29 9.66
C THR A 77 -9.20 -11.14 8.55
N VAL A 78 -8.96 -10.72 7.29
CA VAL A 78 -9.48 -11.45 6.16
C VAL A 78 -8.62 -12.66 5.94
N GLU A 79 -9.24 -13.72 5.39
CA GLU A 79 -8.52 -14.93 5.11
C GLU A 79 -8.69 -15.18 3.65
N ILE A 80 -7.58 -15.17 2.89
CA ILE A 80 -7.69 -15.37 1.47
C ILE A 80 -6.59 -16.32 1.07
N LEU A 81 -6.98 -17.37 0.31
CA LEU A 81 -6.04 -18.37 -0.16
C LEU A 81 -5.44 -19.08 1.04
N ASN A 82 -6.30 -19.36 2.05
CA ASN A 82 -5.88 -20.08 3.24
C ASN A 82 -4.81 -19.33 3.99
N ARG A 83 -4.81 -17.98 3.90
CA ARG A 83 -3.84 -17.20 4.61
C ARG A 83 -4.54 -16.00 5.17
N SER A 84 -4.20 -15.61 6.41
CA SER A 84 -4.83 -14.46 7.01
C SER A 84 -4.01 -13.27 6.62
N LEU A 85 -4.67 -12.25 6.02
CA LEU A 85 -3.95 -11.08 5.59
C LEU A 85 -4.52 -9.90 6.34
N PRO A 86 -3.63 -9.02 6.76
CA PRO A 86 -4.00 -7.82 7.49
C PRO A 86 -4.44 -6.71 6.58
N ILE A 87 -5.06 -5.67 7.17
CA ILE A 87 -5.51 -4.54 6.40
C ILE A 87 -4.49 -3.45 6.59
N LYS A 88 -3.89 -2.99 5.47
CA LYS A 88 -2.87 -1.97 5.54
C LYS A 88 -3.41 -0.70 4.93
N PRO A 89 -3.46 0.36 5.71
CA PRO A 89 -3.93 1.65 5.23
C PRO A 89 -2.94 2.33 4.33
N VAL A 90 -3.41 3.29 3.52
CA VAL A 90 -2.52 4.01 2.64
C VAL A 90 -2.55 5.44 3.10
N PHE A 91 -1.37 6.07 3.17
CA PHE A 91 -1.30 7.45 3.58
C PHE A 91 -0.35 8.15 2.67
N GLU A 92 -0.61 9.46 2.44
CA GLU A 92 0.24 10.24 1.57
C GLU A 92 1.58 10.41 2.24
N LYS A 93 1.58 10.57 3.58
CA LYS A 93 2.82 10.74 4.30
C LYS A 93 3.54 9.43 4.32
N ARG A 94 4.89 9.50 4.20
CA ARG A 94 5.69 8.30 4.19
C ARG A 94 6.84 8.54 5.14
N ASN A 95 7.32 7.46 5.79
CA ASN A 95 8.42 7.59 6.72
C ASN A 95 9.65 7.07 6.04
N GLU A 96 10.79 7.75 6.27
CA GLU A 96 12.03 7.33 5.67
C GLU A 96 13.09 7.46 6.72
N THR A 97 13.93 6.41 6.86
CA THR A 97 14.98 6.44 7.85
C THR A 97 16.26 6.06 7.15
N VAL A 98 17.41 6.41 7.77
CA VAL A 98 18.69 6.09 7.18
C VAL A 98 19.52 5.45 8.24
N ALA A 99 20.57 4.70 7.82
CA ALA A 99 21.43 4.03 8.77
C ALA A 99 22.84 4.45 8.46
N PRO A 100 23.33 5.47 9.15
CA PRO A 100 24.69 5.97 8.95
C PRO A 100 25.73 4.92 9.24
N ALA A 101 26.84 4.95 8.45
CA ALA A 101 27.90 3.99 8.64
C ALA A 101 28.92 4.64 9.52
N GLU A 102 29.51 3.85 10.45
CA GLU A 102 30.51 4.39 11.34
C GLU A 102 31.83 3.79 10.92
N ARG A 103 32.83 4.67 10.71
CA ARG A 103 34.13 4.20 10.30
C ARG A 103 35.12 4.80 11.26
N LYS A 104 36.25 4.08 11.49
CA LYS A 104 37.26 4.58 12.39
C LYS A 104 38.54 4.63 11.62
N ARG A 105 39.21 5.80 11.60
CA ARG A 105 40.44 5.95 10.86
C ARG A 105 41.57 5.39 11.69
N ARG A 106 41.32 5.17 13.00
CA ARG A 106 42.32 4.64 13.90
C ARG A 106 43.43 5.66 14.02
N ARG A 107 44.67 5.26 13.68
CA ARG A 107 45.78 6.17 13.79
C ARG A 107 46.75 5.81 12.69
N SER A 108 47.30 6.84 12.02
CA SER A 108 48.24 6.59 10.95
C SER A 108 49.17 7.76 10.93
N VAL A 109 50.46 7.50 10.62
CA VAL A 109 51.43 8.57 10.59
C VAL A 109 52.38 8.25 9.48
N SER A 110 52.86 9.30 8.77
CA SER A 110 53.78 9.10 7.68
C SER A 110 55.12 8.73 8.30
N PRO A 111 55.74 7.69 7.77
CA PRO A 111 57.02 7.23 8.29
C PRO A 111 58.16 8.16 8.01
N GLY A 112 57.98 9.07 7.02
CA GLY A 112 59.04 10.00 6.70
C GLY A 112 58.54 10.90 5.63
N GLY A 113 59.45 11.73 5.08
CA GLY A 113 59.06 12.65 4.04
C GLY A 113 60.30 13.36 3.62
N VAL A 114 60.16 14.29 2.65
CA VAL A 114 61.31 15.03 2.18
C VAL A 114 61.05 16.48 2.49
N HIS A 115 61.98 17.11 3.22
CA HIS A 115 61.83 18.50 3.57
C HIS A 115 62.99 19.28 2.99
N PRO A 116 64.21 18.96 3.39
CA PRO A 116 65.37 19.68 2.87
C PRO A 116 65.71 19.31 1.45
N GLN A 117 66.38 20.24 0.75
CA GLN A 117 66.75 20.00 -0.62
C GLN A 117 67.97 20.83 -0.90
N THR A 118 68.72 20.47 -1.96
CA THR A 118 69.91 21.22 -2.30
C THR A 118 69.84 21.55 -3.76
N ALA A 119 70.62 22.56 -4.18
CA ALA A 119 70.63 22.96 -5.56
C ALA A 119 71.97 23.56 -5.83
N ALA A 120 72.38 23.57 -7.11
CA ALA A 120 73.66 24.13 -7.47
C ALA A 120 73.54 24.65 -8.87
N VAL A 121 74.38 25.64 -9.21
CA VAL A 121 74.34 26.21 -10.54
C VAL A 121 75.75 26.56 -10.91
N SER A 122 76.09 26.42 -12.21
CA SER A 122 77.43 26.72 -12.66
C SER A 122 77.34 27.08 -14.11
N ALA A 123 78.37 27.76 -14.64
CA ALA A 123 78.36 28.14 -16.02
C ALA A 123 79.79 28.24 -16.46
N LEU A 124 80.03 28.08 -17.78
CA LEU A 124 81.38 28.15 -18.30
C LEU A 124 81.44 29.36 -19.18
N SER A 125 82.57 30.09 -19.14
CA SER A 125 82.72 31.26 -19.96
C SER A 125 84.04 31.15 -20.67
N ARG A 126 84.11 31.69 -21.90
CA ARG A 126 85.33 31.65 -22.66
C ARG A 126 85.57 33.03 -23.18
N ARG A 127 86.85 33.40 -23.35
CA ARG A 127 87.19 34.71 -23.84
C ARG A 127 87.15 34.66 -25.38
N GLY A 1 -1.02 29.61 7.05
CA GLY A 1 -0.46 28.52 7.88
C GLY A 1 0.99 28.34 7.57
N PRO A 2 1.61 27.45 8.29
CA PRO A 2 3.03 27.14 8.12
C PRO A 2 3.32 26.41 6.85
N GLY A 3 2.29 25.75 6.27
CA GLY A 3 2.49 25.03 5.05
C GLY A 3 1.17 24.45 4.67
N SER A 4 1.16 23.59 3.63
CA SER A 4 -0.07 22.97 3.19
C SER A 4 -0.49 21.99 4.24
N GLU A 5 -1.82 21.89 4.47
CA GLU A 5 -2.32 20.97 5.46
C GLU A 5 -3.44 20.22 4.81
N ALA A 6 -3.60 18.93 5.19
CA ALA A 6 -4.65 18.15 4.59
C ALA A 6 -4.81 16.88 5.39
N THR A 7 -3.70 16.17 5.63
CA THR A 7 -3.76 14.93 6.37
C THR A 7 -4.07 15.23 7.81
N GLU A 8 -3.53 16.34 8.36
CA GLU A 8 -3.78 16.68 9.74
C GLU A 8 -5.03 17.52 9.81
N GLU A 9 -5.53 17.99 8.65
CA GLU A 9 -6.71 18.83 8.63
C GLU A 9 -7.91 18.02 9.06
N ILE A 10 -7.97 16.75 8.64
CA ILE A 10 -9.10 15.90 8.97
C ILE A 10 -9.18 15.70 10.46
N ALA A 11 -8.04 15.73 11.18
CA ALA A 11 -8.09 15.53 12.61
C ALA A 11 -6.79 15.97 13.19
N ALA A 12 -5.78 15.07 13.17
CA ALA A 12 -4.50 15.39 13.71
C ALA A 12 -3.57 14.25 13.42
N LEU A 13 -3.01 13.64 14.48
CA LEU A 13 -2.10 12.53 14.30
C LEU A 13 -2.91 11.26 14.31
N ASP A 14 -4.25 11.37 14.43
CA ASP A 14 -5.10 10.21 14.44
C ASP A 14 -4.97 9.50 13.11
N GLN A 15 -4.93 10.30 12.00
CA GLN A 15 -4.82 9.75 10.67
C GLN A 15 -5.87 8.68 10.45
N PRO A 16 -7.11 9.09 10.35
CA PRO A 16 -8.23 8.17 10.14
C PRO A 16 -8.10 7.38 8.86
N PHE A 17 -8.67 6.15 8.85
CA PHE A 17 -8.59 5.32 7.68
C PHE A 17 -9.48 5.91 6.62
N GLU A 18 -8.97 5.94 5.38
CA GLU A 18 -9.74 6.48 4.28
C GLU A 18 -9.74 5.45 3.18
N LYS A 19 -8.60 4.75 3.00
CA LYS A 19 -8.50 3.75 1.97
C LYS A 19 -7.63 2.67 2.52
N CYS A 20 -7.96 1.40 2.21
CA CYS A 20 -7.18 0.30 2.70
C CYS A 20 -6.60 -0.40 1.51
N PHE A 21 -5.45 -1.07 1.71
CA PHE A 21 -4.78 -1.75 0.65
C PHE A 21 -4.36 -3.10 1.15
N ILE A 22 -4.71 -4.17 0.41
CA ILE A 22 -4.34 -5.52 0.81
C ILE A 22 -3.47 -6.07 -0.29
N PRO A 23 -2.16 -6.06 -0.07
CA PRO A 23 -1.20 -6.56 -1.05
C PRO A 23 -1.16 -8.05 -1.16
N THR A 24 -0.70 -8.53 -2.34
CA THR A 24 -0.58 -9.95 -2.57
C THR A 24 0.81 -10.19 -3.07
N GLU A 25 1.43 -11.33 -2.70
CA GLU A 25 2.77 -11.62 -3.14
C GLU A 25 3.15 -12.97 -2.67
N ALA A 26 3.01 -13.23 -1.34
CA ALA A 26 3.40 -14.51 -0.79
C ALA A 26 2.29 -15.51 -1.02
N LEU A 27 1.16 -15.06 -1.60
CA LEU A 27 0.06 -15.96 -1.85
C LEU A 27 0.49 -17.00 -2.85
N GLY A 28 1.26 -16.60 -3.88
CA GLY A 28 1.70 -17.56 -4.86
C GLY A 28 1.29 -17.06 -6.20
N SER A 29 1.33 -17.95 -7.22
CA SER A 29 0.96 -17.58 -8.57
C SER A 29 -0.53 -17.44 -8.65
N ASP A 30 -1.26 -17.91 -7.63
CA ASP A 30 -2.69 -17.84 -7.63
C ASP A 30 -3.14 -16.42 -7.33
N ARG A 31 -2.19 -15.53 -6.96
CA ARG A 31 -2.57 -14.17 -6.63
C ARG A 31 -3.00 -13.45 -7.90
N GLU A 32 -2.50 -13.89 -9.07
CA GLU A 32 -2.88 -13.24 -10.31
C GLU A 32 -4.06 -13.97 -10.89
N GLY A 33 -4.72 -14.80 -10.06
CA GLY A 33 -5.86 -15.56 -10.52
C GLY A 33 -7.05 -15.04 -9.79
N LEU A 34 -6.92 -13.80 -9.29
CA LEU A 34 -7.99 -13.18 -8.55
C LEU A 34 -9.01 -12.69 -9.54
N ASP A 35 -10.15 -13.40 -9.64
CA ASP A 35 -11.18 -13.01 -10.56
C ASP A 35 -12.20 -12.26 -9.76
N ARG A 36 -12.74 -11.16 -10.34
CA ARG A 36 -13.71 -10.35 -9.65
C ARG A 36 -14.95 -11.16 -9.37
N THR A 37 -15.41 -11.96 -10.36
CA THR A 37 -16.61 -12.76 -10.18
C THR A 37 -16.41 -13.75 -9.07
N GLN A 38 -15.24 -14.43 -9.06
CA GLN A 38 -14.95 -15.43 -8.05
C GLN A 38 -14.81 -14.74 -6.72
N LEU A 39 -14.19 -13.55 -6.71
CA LEU A 39 -13.95 -12.80 -5.50
C LEU A 39 -15.26 -12.45 -4.84
N GLU A 40 -16.34 -12.27 -5.64
CA GLU A 40 -17.62 -11.93 -5.06
C GLU A 40 -18.07 -13.05 -4.15
N ARG A 41 -17.84 -14.32 -4.55
CA ARG A 41 -18.26 -15.44 -3.73
C ARG A 41 -17.03 -15.97 -3.05
N GLN A 42 -16.48 -15.19 -2.10
CA GLN A 42 -15.29 -15.58 -1.41
C GLN A 42 -15.43 -15.20 0.04
N LEU A 43 -14.27 -15.15 0.73
CA LEU A 43 -14.15 -14.77 2.13
C LEU A 43 -14.94 -13.52 2.44
N PRO A 44 -15.06 -13.21 3.72
CA PRO A 44 -15.77 -12.00 4.14
C PRO A 44 -15.26 -10.73 3.51
N PHE A 45 -15.96 -10.31 2.45
CA PHE A 45 -15.64 -9.08 1.77
C PHE A 45 -16.97 -8.45 1.50
N ARG A 46 -18.03 -9.04 2.09
CA ARG A 46 -19.36 -8.61 1.86
C ARG A 46 -19.94 -8.12 3.16
N ASN A 47 -19.16 -8.24 4.25
CA ASN A 47 -19.61 -7.82 5.56
C ASN A 47 -19.88 -6.33 5.52
N TYR A 48 -19.01 -5.57 4.82
CA TYR A 48 -19.19 -4.15 4.73
C TYR A 48 -19.00 -3.80 3.29
N PRO A 49 -19.62 -2.73 2.84
CA PRO A 49 -19.46 -2.29 1.47
C PRO A 49 -18.02 -2.03 1.19
N ILE A 50 -17.51 -2.50 0.04
CA ILE A 50 -16.11 -2.31 -0.21
C ILE A 50 -15.88 -2.27 -1.70
N LYS A 51 -14.98 -1.36 -2.12
CA LYS A 51 -14.63 -1.27 -3.51
C LYS A 51 -13.45 -2.18 -3.70
N LEU A 52 -13.63 -3.25 -4.50
CA LEU A 52 -12.55 -4.16 -4.72
C LEU A 52 -12.06 -3.98 -6.12
N ASN A 53 -10.86 -3.39 -6.23
CA ASN A 53 -10.27 -3.17 -7.53
C ASN A 53 -9.11 -4.11 -7.61
N VAL A 54 -9.19 -5.10 -8.54
CA VAL A 54 -8.14 -6.07 -8.66
C VAL A 54 -6.95 -5.41 -9.33
N SER A 55 -5.74 -5.81 -8.89
CA SER A 55 -4.54 -5.26 -9.45
C SER A 55 -3.46 -6.27 -9.20
N LYS A 56 -2.35 -6.17 -9.97
CA LYS A 56 -1.25 -7.10 -9.82
C LYS A 56 -0.66 -6.95 -8.44
N SER A 57 -0.58 -5.69 -7.95
CA SER A 57 -0.01 -5.44 -6.63
C SER A 57 -0.86 -6.10 -5.59
N GLY A 58 -2.20 -6.04 -5.76
CA GLY A 58 -3.08 -6.64 -4.79
C GLY A 58 -4.44 -6.11 -5.05
N ILE A 59 -5.32 -6.20 -4.04
CA ILE A 59 -6.68 -5.72 -4.19
C ILE A 59 -6.82 -4.45 -3.41
N PHE A 60 -7.44 -3.43 -4.04
CA PHE A 60 -7.66 -2.18 -3.36
C PHE A 60 -8.89 -2.35 -2.53
N CYS A 61 -8.94 -1.66 -1.37
CA CYS A 61 -10.08 -1.76 -0.52
C CYS A 61 -10.49 -0.37 -0.14
N GLN A 62 -11.34 0.27 -0.98
CA GLN A 62 -11.78 1.61 -0.70
C GLN A 62 -13.16 1.51 -0.11
N PHE A 63 -13.38 2.22 1.02
CA PHE A 63 -14.67 2.17 1.67
C PHE A 63 -15.30 3.53 1.56
N PRO A 64 -16.61 3.55 1.51
CA PRO A 64 -17.35 4.80 1.40
C PRO A 64 -17.35 5.63 2.64
N THR A 65 -17.12 4.99 3.82
CA THR A 65 -17.11 5.74 5.05
C THR A 65 -15.88 5.36 5.82
N VAL A 66 -15.44 6.28 6.71
CA VAL A 66 -14.26 6.06 7.52
C VAL A 66 -14.55 4.98 8.53
N SER A 67 -15.76 5.00 9.14
CA SER A 67 -16.10 4.04 10.17
C SER A 67 -16.08 2.64 9.60
N ASP A 68 -16.58 2.44 8.35
CA ASP A 68 -16.59 1.11 7.79
C ASP A 68 -15.17 0.65 7.59
N ALA A 69 -14.28 1.57 7.13
CA ALA A 69 -12.91 1.21 6.90
C ALA A 69 -12.25 0.82 8.20
N LYS A 70 -12.52 1.58 9.28
CA LYS A 70 -11.90 1.28 10.55
C LYS A 70 -12.42 -0.04 11.08
N ARG A 71 -13.74 -0.29 10.93
CA ARG A 71 -14.30 -1.54 11.41
C ARG A 71 -13.68 -2.69 10.66
N PHE A 72 -13.49 -2.53 9.33
CA PHE A 72 -12.90 -3.56 8.53
C PHE A 72 -11.46 -3.75 8.96
N TYR A 73 -10.78 -2.65 9.27
CA TYR A 73 -9.39 -2.73 9.68
C TYR A 73 -9.28 -3.48 10.99
N GLU A 74 -10.06 -3.06 12.01
CA GLU A 74 -9.94 -3.68 13.32
C GLU A 74 -10.56 -5.06 13.37
N GLU A 75 -11.71 -5.27 12.72
CA GLU A 75 -12.36 -6.57 12.81
C GLU A 75 -12.82 -6.99 11.44
N GLY A 76 -11.94 -6.91 10.44
CA GLY A 76 -12.32 -7.31 9.11
C GLY A 76 -11.20 -8.08 8.49
N THR A 77 -10.48 -8.89 9.29
CA THR A 77 -9.39 -9.67 8.75
C THR A 77 -9.98 -10.62 7.76
N VAL A 78 -9.23 -10.95 6.70
CA VAL A 78 -9.76 -11.85 5.69
C VAL A 78 -8.80 -12.98 5.54
N GLU A 79 -9.32 -14.11 5.03
CA GLU A 79 -8.51 -15.27 4.81
C GLU A 79 -8.69 -15.58 3.37
N ILE A 80 -7.61 -15.52 2.59
CA ILE A 80 -7.72 -15.76 1.18
C ILE A 80 -6.59 -16.67 0.80
N LEU A 81 -6.93 -17.78 0.10
CA LEU A 81 -5.95 -18.75 -0.33
C LEU A 81 -5.36 -19.40 0.89
N ASN A 82 -6.19 -19.60 1.94
CA ASN A 82 -5.74 -20.22 3.17
C ASN A 82 -4.61 -19.43 3.75
N ARG A 83 -4.70 -18.08 3.65
CA ARG A 83 -3.67 -17.24 4.17
C ARG A 83 -4.35 -16.02 4.73
N SER A 84 -3.97 -15.59 5.96
CA SER A 84 -4.60 -14.43 6.54
C SER A 84 -4.00 -13.22 5.89
N LEU A 85 -4.86 -12.25 5.52
CA LEU A 85 -4.37 -11.05 4.88
C LEU A 85 -4.82 -9.87 5.71
N PRO A 86 -3.89 -9.28 6.43
CA PRO A 86 -4.16 -8.11 7.26
C PRO A 86 -4.52 -6.90 6.45
N ILE A 87 -5.22 -5.94 7.10
CA ILE A 87 -5.63 -4.73 6.43
C ILE A 87 -4.55 -3.71 6.64
N LYS A 88 -4.02 -3.15 5.52
CA LYS A 88 -2.95 -2.18 5.61
C LYS A 88 -3.46 -0.87 5.06
N PRO A 89 -3.43 0.17 5.89
CA PRO A 89 -3.86 1.50 5.47
C PRO A 89 -2.89 2.16 4.55
N VAL A 90 -3.37 3.18 3.80
CA VAL A 90 -2.51 3.90 2.90
C VAL A 90 -2.52 5.31 3.38
N PHE A 91 -1.34 5.97 3.35
CA PHE A 91 -1.26 7.34 3.79
C PHE A 91 -0.46 8.09 2.78
N GLU A 92 -0.78 9.38 2.59
CA GLU A 92 -0.07 10.19 1.63
C GLU A 92 1.16 10.72 2.31
N LYS A 93 2.26 10.84 1.55
CA LYS A 93 3.50 11.33 2.10
C LYS A 93 4.27 11.96 0.98
N ARG A 94 5.26 12.80 1.33
CA ARG A 94 6.05 13.45 0.32
C ARG A 94 7.49 13.26 0.70
N ASN A 95 8.37 13.24 -0.32
CA ASN A 95 9.78 13.06 -0.06
C ASN A 95 10.53 13.68 -1.21
N GLU A 96 11.87 13.66 -1.13
CA GLU A 96 12.67 14.24 -2.19
C GLU A 96 13.64 13.18 -2.60
N THR A 97 13.99 13.17 -3.92
CA THR A 97 14.92 12.19 -4.43
C THR A 97 16.19 12.91 -4.78
N VAL A 98 16.12 13.83 -5.76
CA VAL A 98 17.29 14.56 -6.18
C VAL A 98 16.84 15.93 -6.56
N ALA A 99 17.67 16.95 -6.27
CA ALA A 99 17.33 18.31 -6.61
C ALA A 99 18.48 18.88 -7.38
N PRO A 100 18.43 18.74 -8.68
CA PRO A 100 19.49 19.24 -9.55
C PRO A 100 19.45 20.73 -9.70
N ALA A 101 20.64 21.34 -9.96
CA ALA A 101 20.70 22.77 -10.13
C ALA A 101 20.09 23.12 -11.45
N GLU A 102 19.38 24.27 -11.49
CA GLU A 102 18.75 24.70 -12.71
C GLU A 102 19.10 26.14 -12.91
N ARG A 103 19.19 26.57 -14.18
CA ARG A 103 19.53 27.95 -14.48
C ARG A 103 18.47 28.46 -15.41
N LYS A 104 18.18 29.78 -15.31
CA LYS A 104 17.18 30.38 -16.17
C LYS A 104 17.82 30.66 -17.50
N ARG A 105 17.04 30.50 -18.58
CA ARG A 105 17.57 30.74 -19.90
C ARG A 105 16.51 31.47 -20.67
N ARG A 106 16.92 32.58 -21.34
CA ARG A 106 16.00 33.38 -22.12
C ARG A 106 15.05 34.08 -21.19
N ARG A 107 14.01 34.74 -21.77
CA ARG A 107 13.04 35.43 -20.97
C ARG A 107 11.69 35.05 -21.48
N SER A 108 10.68 35.05 -20.59
CA SER A 108 9.34 34.69 -20.99
C SER A 108 8.43 35.78 -20.55
N VAL A 109 7.34 36.01 -21.30
CA VAL A 109 6.40 37.06 -20.96
C VAL A 109 5.08 36.38 -20.72
N SER A 110 4.48 36.64 -19.54
CA SER A 110 3.20 36.03 -19.22
C SER A 110 2.13 36.77 -19.98
N PRO A 111 1.10 36.06 -20.36
CA PRO A 111 -0.02 36.63 -21.09
C PRO A 111 -0.92 37.45 -20.21
N GLY A 112 -1.69 38.38 -20.83
CA GLY A 112 -2.59 39.20 -20.07
C GLY A 112 -3.50 39.88 -21.03
N GLY A 113 -4.50 40.62 -20.52
CA GLY A 113 -5.42 41.30 -21.38
C GLY A 113 -6.34 42.10 -20.50
N VAL A 114 -7.29 42.81 -21.13
CA VAL A 114 -8.24 43.61 -20.37
C VAL A 114 -9.39 42.73 -19.98
N HIS A 115 -9.52 41.55 -20.62
CA HIS A 115 -10.59 40.62 -20.32
C HIS A 115 -11.91 41.29 -20.63
N PRO A 116 -12.23 41.40 -21.90
CA PRO A 116 -13.48 42.01 -22.34
C PRO A 116 -14.70 41.32 -21.81
N GLN A 117 -15.75 42.08 -21.48
CA GLN A 117 -16.95 41.49 -20.95
C GLN A 117 -18.09 42.41 -21.27
N THR A 118 -19.32 41.88 -21.26
CA THR A 118 -20.48 42.69 -21.55
C THR A 118 -21.35 42.66 -20.32
N ALA A 119 -21.77 43.85 -19.85
CA ALA A 119 -22.61 43.91 -18.68
C ALA A 119 -23.97 43.39 -19.04
N ALA A 120 -24.58 42.60 -18.13
CA ALA A 120 -25.89 42.05 -18.37
C ALA A 120 -26.89 43.15 -18.49
N VAL A 121 -26.76 44.19 -17.62
CA VAL A 121 -27.69 45.30 -17.66
C VAL A 121 -26.89 46.56 -17.66
N SER A 122 -27.52 47.67 -18.12
CA SER A 122 -26.84 48.93 -18.15
C SER A 122 -27.89 50.00 -18.12
N ALA A 123 -27.50 51.24 -17.79
CA ALA A 123 -28.45 52.32 -17.73
C ALA A 123 -27.71 53.57 -18.05
N LEU A 124 -28.43 54.58 -18.59
CA LEU A 124 -27.80 55.83 -18.94
C LEU A 124 -28.84 56.90 -18.93
N SER A 125 -30.07 56.57 -19.40
CA SER A 125 -31.14 57.54 -19.44
C SER A 125 -31.66 57.76 -18.05
N ARG A 126 -31.29 56.88 -17.10
CA ARG A 126 -31.75 57.02 -15.75
C ARG A 126 -30.72 56.40 -14.86
N ARG A 127 -30.74 56.77 -13.56
CA ARG A 127 -29.78 56.24 -12.63
C ARG A 127 -30.33 54.90 -12.11
N GLY A 1 -12.51 13.27 22.10
CA GLY A 1 -12.74 13.76 20.72
C GLY A 1 -13.65 12.83 19.99
N PRO A 2 -14.02 13.24 18.81
CA PRO A 2 -14.92 12.47 17.96
C PRO A 2 -14.30 11.21 17.43
N GLY A 3 -12.95 11.14 17.43
CA GLY A 3 -12.26 9.97 16.94
C GLY A 3 -12.49 8.84 17.90
N SER A 4 -12.82 9.18 19.17
CA SER A 4 -13.08 8.17 20.17
C SER A 4 -11.80 7.44 20.50
N GLU A 5 -11.96 6.21 21.04
CA GLU A 5 -10.83 5.39 21.41
C GLU A 5 -10.12 4.92 20.17
N ALA A 6 -10.86 4.71 19.07
CA ALA A 6 -10.27 4.20 17.85
C ALA A 6 -9.19 5.13 17.35
N THR A 7 -9.39 6.46 17.39
CA THR A 7 -8.37 7.33 16.88
C THR A 7 -7.17 7.30 17.81
N GLU A 8 -7.41 7.13 19.13
CA GLU A 8 -6.30 7.10 20.06
C GLU A 8 -5.54 5.81 19.88
N GLU A 9 -6.26 4.69 19.66
CA GLU A 9 -5.62 3.41 19.49
C GLU A 9 -4.86 3.41 18.20
N ILE A 10 -5.47 3.98 17.14
CA ILE A 10 -4.82 4.05 15.84
C ILE A 10 -3.57 4.86 15.97
N ALA A 11 -3.66 6.05 16.62
CA ALA A 11 -2.50 6.88 16.80
C ALA A 11 -2.96 8.19 17.37
N ALA A 12 -3.45 9.07 16.48
CA ALA A 12 -3.92 10.36 16.91
C ALA A 12 -4.87 10.83 15.86
N LEU A 13 -5.70 11.84 16.19
CA LEU A 13 -6.64 12.35 15.23
C LEU A 13 -5.90 13.26 14.31
N ASP A 14 -5.42 12.70 13.18
CA ASP A 14 -4.69 13.50 12.22
C ASP A 14 -4.92 12.89 10.87
N GLN A 15 -4.61 11.57 10.73
CA GLN A 15 -4.78 10.90 9.47
C GLN A 15 -5.78 9.80 9.68
N PRO A 16 -7.03 10.06 9.34
CA PRO A 16 -8.08 9.07 9.48
C PRO A 16 -8.08 8.06 8.37
N PHE A 17 -8.77 6.92 8.58
CA PHE A 17 -8.83 5.90 7.56
C PHE A 17 -9.69 6.41 6.44
N GLU A 18 -9.43 5.90 5.23
CA GLU A 18 -10.20 6.32 4.09
C GLU A 18 -10.09 5.25 3.05
N LYS A 19 -8.88 4.65 2.91
CA LYS A 19 -8.68 3.62 1.93
C LYS A 19 -7.73 2.63 2.53
N CYS A 20 -7.93 1.33 2.23
CA CYS A 20 -7.08 0.31 2.79
C CYS A 20 -6.44 -0.44 1.65
N PHE A 21 -5.29 -1.07 1.95
CA PHE A 21 -4.58 -1.81 0.95
C PHE A 21 -4.20 -3.13 1.54
N ILE A 22 -4.54 -4.23 0.85
CA ILE A 22 -4.20 -5.56 1.32
C ILE A 22 -3.22 -6.13 0.32
N PRO A 23 -1.96 -6.22 0.71
CA PRO A 23 -0.93 -6.73 -0.18
C PRO A 23 -0.98 -8.20 -0.42
N THR A 24 -0.62 -8.59 -1.66
CA THR A 24 -0.60 -9.98 -2.02
C THR A 24 0.67 -10.19 -2.80
N GLU A 25 1.25 -11.40 -2.74
CA GLU A 25 2.48 -11.64 -3.45
C GLU A 25 2.79 -13.10 -3.35
N ALA A 26 3.12 -13.57 -2.13
CA ALA A 26 3.45 -14.97 -1.94
C ALA A 26 2.19 -15.71 -1.64
N LEU A 27 1.20 -15.57 -2.55
CA LEU A 27 -0.06 -16.22 -2.37
C LEU A 27 -0.13 -17.37 -3.35
N GLY A 28 1.04 -17.78 -3.88
CA GLY A 28 1.10 -18.86 -4.83
C GLY A 28 0.81 -18.32 -6.20
N SER A 29 0.66 -16.97 -6.30
CA SER A 29 0.38 -16.32 -7.57
C SER A 29 -0.99 -16.69 -8.04
N ASP A 30 -1.79 -17.34 -7.18
CA ASP A 30 -3.13 -17.73 -7.54
C ASP A 30 -3.97 -16.49 -7.58
N ARG A 31 -3.59 -15.46 -6.80
CA ARG A 31 -4.34 -14.22 -6.74
C ARG A 31 -4.20 -13.48 -8.04
N GLU A 32 -3.18 -13.83 -8.86
CA GLU A 32 -2.98 -13.14 -10.12
C GLU A 32 -4.16 -13.43 -11.01
N GLY A 33 -4.67 -14.68 -10.98
CA GLY A 33 -5.78 -15.04 -11.82
C GLY A 33 -6.98 -15.22 -10.93
N LEU A 34 -7.73 -14.14 -10.68
CA LEU A 34 -8.90 -14.23 -9.87
C LEU A 34 -10.00 -13.57 -10.62
N ASP A 35 -11.26 -13.98 -10.33
CA ASP A 35 -12.40 -13.39 -10.99
C ASP A 35 -12.96 -12.39 -10.03
N ARG A 36 -13.19 -11.15 -10.51
CA ARG A 36 -13.70 -10.11 -9.64
C ARG A 36 -15.07 -10.48 -9.15
N THR A 37 -15.91 -11.05 -10.06
CA THR A 37 -17.25 -11.42 -9.68
C THR A 37 -17.19 -12.48 -8.60
N GLN A 38 -16.32 -13.51 -8.80
CA GLN A 38 -16.20 -14.58 -7.83
C GLN A 38 -15.62 -14.04 -6.56
N LEU A 39 -14.64 -13.12 -6.67
CA LEU A 39 -13.97 -12.55 -5.52
C LEU A 39 -15.00 -11.85 -4.64
N GLU A 40 -16.00 -11.20 -5.27
CA GLU A 40 -17.02 -10.50 -4.49
C GLU A 40 -17.75 -11.50 -3.60
N ARG A 41 -18.01 -12.73 -4.10
CA ARG A 41 -18.72 -13.70 -3.31
C ARG A 41 -17.72 -14.73 -2.86
N GLN A 42 -16.84 -14.32 -1.92
CA GLN A 42 -15.80 -15.20 -1.43
C GLN A 42 -15.67 -14.97 0.06
N LEU A 43 -14.50 -15.39 0.62
CA LEU A 43 -14.15 -15.23 2.02
C LEU A 43 -14.45 -13.81 2.48
N PRO A 44 -14.33 -13.57 3.80
CA PRO A 44 -14.54 -12.26 4.37
C PRO A 44 -14.23 -11.13 3.43
N PHE A 45 -15.30 -10.43 3.03
CA PHE A 45 -15.23 -9.36 2.07
C PHE A 45 -16.65 -8.99 1.83
N ARG A 46 -17.55 -10.00 2.01
CA ARG A 46 -18.96 -9.81 1.84
C ARG A 46 -19.50 -9.24 3.12
N ASN A 47 -18.67 -9.31 4.20
CA ASN A 47 -19.06 -8.85 5.51
C ASN A 47 -19.36 -7.38 5.48
N TYR A 48 -18.55 -6.59 4.74
CA TYR A 48 -18.78 -5.17 4.67
C TYR A 48 -18.62 -4.77 3.24
N PRO A 49 -19.30 -3.72 2.82
CA PRO A 49 -19.17 -3.23 1.46
C PRO A 49 -17.75 -2.87 1.18
N ILE A 50 -17.23 -3.28 0.02
CA ILE A 50 -15.84 -3.01 -0.25
C ILE A 50 -15.64 -2.94 -1.74
N LYS A 51 -14.79 -1.97 -2.16
CA LYS A 51 -14.47 -1.82 -3.55
C LYS A 51 -13.23 -2.64 -3.75
N LEU A 52 -13.27 -3.61 -4.68
CA LEU A 52 -12.11 -4.44 -4.89
C LEU A 52 -11.58 -4.17 -6.27
N ASN A 53 -10.30 -3.76 -6.32
CA ASN A 53 -9.66 -3.48 -7.58
C ASN A 53 -8.37 -4.24 -7.52
N VAL A 54 -8.27 -5.32 -8.32
CA VAL A 54 -7.08 -6.13 -8.31
C VAL A 54 -6.10 -5.57 -9.29
N SER A 55 -4.83 -5.47 -8.87
CA SER A 55 -3.79 -4.96 -9.73
C SER A 55 -2.55 -5.76 -9.42
N LYS A 56 -1.41 -5.35 -10.02
CA LYS A 56 -0.17 -6.06 -9.80
C LYS A 56 0.24 -5.93 -8.35
N SER A 57 0.02 -4.73 -7.77
CA SER A 57 0.39 -4.50 -6.38
C SER A 57 -0.40 -5.40 -5.48
N GLY A 58 -1.69 -5.58 -5.79
CA GLY A 58 -2.53 -6.43 -4.96
C GLY A 58 -3.92 -5.98 -5.18
N ILE A 59 -4.79 -6.16 -4.16
CA ILE A 59 -6.17 -5.76 -4.28
C ILE A 59 -6.36 -4.53 -3.46
N PHE A 60 -6.92 -3.47 -4.09
CA PHE A 60 -7.18 -2.25 -3.39
C PHE A 60 -8.47 -2.40 -2.66
N CYS A 61 -8.57 -1.81 -1.46
CA CYS A 61 -9.79 -1.90 -0.69
C CYS A 61 -10.24 -0.50 -0.39
N GLN A 62 -11.25 -0.01 -1.13
CA GLN A 62 -11.76 1.31 -0.91
C GLN A 62 -13.13 1.17 -0.33
N PHE A 63 -13.40 1.92 0.76
CA PHE A 63 -14.68 1.82 1.42
C PHE A 63 -15.38 3.14 1.24
N PRO A 64 -16.69 3.09 1.20
CA PRO A 64 -17.51 4.29 1.03
C PRO A 64 -17.51 5.20 2.21
N THR A 65 -17.27 4.64 3.43
CA THR A 65 -17.27 5.48 4.61
C THR A 65 -16.05 5.14 5.41
N VAL A 66 -15.62 6.11 6.26
CA VAL A 66 -14.46 5.93 7.10
C VAL A 66 -14.77 4.88 8.14
N SER A 67 -16.00 4.92 8.69
CA SER A 67 -16.38 3.99 9.74
C SER A 67 -16.30 2.58 9.23
N ASP A 68 -16.75 2.33 7.98
CA ASP A 68 -16.70 0.98 7.44
C ASP A 68 -15.26 0.55 7.33
N ALA A 69 -14.37 1.48 6.92
CA ALA A 69 -12.97 1.15 6.77
C ALA A 69 -12.39 0.79 8.12
N LYS A 70 -12.74 1.57 9.18
CA LYS A 70 -12.19 1.27 10.48
C LYS A 70 -12.70 -0.04 11.00
N ARG A 71 -14.00 -0.36 10.78
CA ARG A 71 -14.52 -1.61 11.29
C ARG A 71 -13.82 -2.75 10.59
N PHE A 72 -13.59 -2.60 9.27
CA PHE A 72 -12.92 -3.63 8.51
C PHE A 72 -11.48 -3.72 8.96
N TYR A 73 -10.85 -2.57 9.21
CA TYR A 73 -9.47 -2.58 9.63
C TYR A 73 -9.33 -3.21 11.00
N GLU A 74 -10.15 -2.76 11.97
CA GLU A 74 -10.02 -3.24 13.33
C GLU A 74 -10.53 -4.66 13.48
N GLU A 75 -11.65 -5.00 12.82
CA GLU A 75 -12.20 -6.34 12.99
C GLU A 75 -12.68 -6.85 11.66
N GLY A 76 -11.80 -6.84 10.64
CA GLY A 76 -12.20 -7.31 9.34
C GLY A 76 -11.09 -8.12 8.77
N THR A 77 -10.37 -8.89 9.62
CA THR A 77 -9.28 -9.70 9.12
C THR A 77 -9.85 -10.64 8.11
N VAL A 78 -9.08 -10.97 7.05
CA VAL A 78 -9.60 -11.83 6.03
C VAL A 78 -8.66 -12.98 5.86
N GLU A 79 -9.19 -14.09 5.31
CA GLU A 79 -8.39 -15.25 5.06
C GLU A 79 -8.58 -15.53 3.60
N ILE A 80 -7.53 -15.31 2.80
CA ILE A 80 -7.64 -15.50 1.38
C ILE A 80 -6.57 -16.45 0.97
N LEU A 81 -6.99 -17.53 0.25
CA LEU A 81 -6.07 -18.54 -0.20
C LEU A 81 -5.41 -19.21 0.98
N ASN A 82 -6.22 -19.46 2.03
CA ASN A 82 -5.74 -20.13 3.23
C ASN A 82 -4.64 -19.33 3.88
N ARG A 83 -4.69 -18.00 3.77
CA ARG A 83 -3.68 -17.17 4.39
C ARG A 83 -4.38 -16.01 5.02
N SER A 84 -3.99 -15.65 6.27
CA SER A 84 -4.62 -14.52 6.91
C SER A 84 -3.94 -13.30 6.38
N LEU A 85 -4.75 -12.34 5.90
CA LEU A 85 -4.18 -11.14 5.34
C LEU A 85 -4.67 -9.97 6.16
N PRO A 86 -3.74 -9.13 6.59
CA PRO A 86 -4.06 -7.97 7.38
C PRO A 86 -4.50 -6.79 6.57
N ILE A 87 -5.06 -5.77 7.25
CA ILE A 87 -5.52 -4.58 6.59
C ILE A 87 -4.51 -3.50 6.84
N LYS A 88 -3.96 -2.91 5.76
CA LYS A 88 -2.97 -1.87 5.92
C LYS A 88 -3.54 -0.60 5.35
N PRO A 89 -3.54 0.46 6.12
CA PRO A 89 -4.02 1.75 5.66
C PRO A 89 -3.08 2.41 4.70
N VAL A 90 -3.59 3.32 3.85
CA VAL A 90 -2.73 4.02 2.93
C VAL A 90 -2.81 5.47 3.29
N PHE A 91 -1.65 6.13 3.28
CA PHE A 91 -1.61 7.54 3.61
C PHE A 91 -0.73 8.20 2.58
N GLU A 92 -1.01 9.48 2.29
CA GLU A 92 -0.20 10.19 1.32
C GLU A 92 0.96 10.79 2.05
N LYS A 93 2.01 9.98 2.20
CA LYS A 93 3.21 10.42 2.87
C LYS A 93 4.37 10.00 2.03
N ARG A 94 5.47 10.79 2.10
CA ARG A 94 6.64 10.48 1.34
C ARG A 94 7.33 9.32 2.00
N ASN A 95 7.96 8.44 1.20
CA ASN A 95 8.63 7.29 1.76
C ASN A 95 9.68 6.89 0.77
N GLU A 96 10.53 5.92 1.16
CA GLU A 96 11.58 5.47 0.28
C GLU A 96 11.80 4.02 0.54
N THR A 97 12.40 3.31 -0.44
CA THR A 97 12.66 1.90 -0.28
C THR A 97 14.14 1.70 -0.39
N VAL A 98 14.72 0.97 0.58
CA VAL A 98 16.14 0.73 0.57
C VAL A 98 16.34 -0.71 0.93
N ALA A 99 17.36 -1.36 0.33
CA ALA A 99 17.61 -2.74 0.62
C ALA A 99 19.09 -2.87 0.91
N PRO A 100 19.44 -3.88 1.67
CA PRO A 100 20.84 -4.12 2.04
C PRO A 100 21.73 -4.36 0.85
N ALA A 101 22.99 -3.89 0.93
CA ALA A 101 23.92 -4.07 -0.15
C ALA A 101 24.31 -5.51 -0.19
N GLU A 102 24.54 -6.04 -1.41
CA GLU A 102 24.92 -7.42 -1.55
C GLU A 102 26.38 -7.54 -1.25
N ARG A 103 26.78 -8.65 -0.60
CA ARG A 103 28.16 -8.85 -0.27
C ARG A 103 28.77 -9.66 -1.38
N LYS A 104 29.93 -9.19 -1.90
CA LYS A 104 30.58 -9.87 -2.98
C LYS A 104 31.93 -10.30 -2.48
N ARG A 105 32.43 -11.44 -2.99
CA ARG A 105 33.71 -11.93 -2.57
C ARG A 105 34.32 -12.64 -3.74
N ARG A 106 35.65 -12.80 -3.73
CA ARG A 106 36.32 -13.45 -4.82
C ARG A 106 37.48 -14.21 -4.25
N ARG A 107 37.64 -15.48 -4.67
CA ARG A 107 38.73 -16.32 -4.20
C ARG A 107 38.57 -16.52 -2.71
N SER A 108 37.39 -17.04 -2.31
CA SER A 108 37.15 -17.27 -0.90
C SER A 108 36.63 -18.66 -0.78
N VAL A 109 36.89 -19.31 0.39
CA VAL A 109 36.44 -20.66 0.60
C VAL A 109 35.76 -20.68 1.93
N SER A 110 34.91 -21.72 2.16
CA SER A 110 34.20 -21.83 3.41
C SER A 110 34.58 -23.15 4.02
N PRO A 111 35.57 -23.14 4.88
CA PRO A 111 36.03 -24.35 5.54
C PRO A 111 35.21 -24.68 6.76
N GLY A 112 33.96 -25.14 6.53
CA GLY A 112 33.11 -25.49 7.63
C GLY A 112 31.90 -26.15 7.05
N GLY A 113 30.94 -26.54 7.93
CA GLY A 113 29.74 -27.19 7.48
C GLY A 113 28.87 -26.15 6.84
N VAL A 114 28.06 -26.58 5.85
CA VAL A 114 27.18 -25.66 5.16
C VAL A 114 25.80 -26.23 5.29
N HIS A 115 24.84 -25.38 5.74
CA HIS A 115 23.48 -25.83 5.89
C HIS A 115 22.62 -24.97 5.00
N PRO A 116 22.41 -25.41 3.78
CA PRO A 116 21.62 -24.67 2.82
C PRO A 116 20.15 -24.76 3.09
N GLN A 117 19.38 -23.78 2.57
CA GLN A 117 17.95 -23.77 2.78
C GLN A 117 17.33 -23.65 1.42
N THR A 118 16.13 -24.24 1.25
CA THR A 118 15.46 -24.18 -0.03
C THR A 118 14.06 -23.71 0.21
N ALA A 119 13.43 -23.15 -0.84
CA ALA A 119 12.07 -22.66 -0.73
C ALA A 119 11.15 -23.80 -0.42
N ALA A 120 11.40 -24.97 -1.06
CA ALA A 120 10.56 -26.12 -0.84
C ALA A 120 11.47 -27.29 -0.62
N VAL A 121 11.04 -28.24 0.23
CA VAL A 121 11.85 -29.40 0.52
C VAL A 121 11.68 -30.39 -0.60
N SER A 122 10.61 -30.24 -1.42
CA SER A 122 10.40 -31.15 -2.50
C SER A 122 9.69 -30.39 -3.58
N ALA A 123 10.03 -30.70 -4.85
CA ALA A 123 9.40 -30.03 -5.96
C ALA A 123 8.22 -30.86 -6.41
N LEU A 124 7.99 -32.00 -5.73
CA LEU A 124 6.90 -32.87 -6.09
C LEU A 124 5.60 -32.13 -5.87
N SER A 125 5.49 -31.42 -4.73
CA SER A 125 4.28 -30.68 -4.45
C SER A 125 4.67 -29.52 -3.59
N ARG A 126 4.03 -28.36 -3.82
CA ARG A 126 4.33 -27.18 -3.06
C ARG A 126 3.04 -26.46 -2.86
N ARG A 127 2.77 -26.02 -1.61
CA ARG A 127 1.55 -25.30 -1.34
C ARG A 127 1.87 -24.19 -0.34
N GLY A 1 -18.30 30.91 9.48
CA GLY A 1 -19.30 30.24 10.36
C GLY A 1 -18.60 29.63 11.53
N PRO A 2 -19.38 28.95 12.33
CA PRO A 2 -18.87 28.28 13.53
C PRO A 2 -17.83 27.25 13.22
N GLY A 3 -16.83 27.12 14.12
CA GLY A 3 -15.79 26.15 13.91
C GLY A 3 -16.27 24.83 14.41
N SER A 4 -15.47 23.76 14.21
CA SER A 4 -15.85 22.45 14.66
C SER A 4 -14.58 21.70 14.92
N GLU A 5 -14.60 20.82 15.94
CA GLU A 5 -13.44 20.04 16.27
C GLU A 5 -13.24 18.98 15.21
N ALA A 6 -14.30 18.71 14.41
CA ALA A 6 -14.20 17.70 13.37
C ALA A 6 -13.19 18.13 12.35
N THR A 7 -13.19 19.42 11.97
CA THR A 7 -12.25 19.90 10.97
C THR A 7 -10.87 19.97 11.59
N GLU A 8 -10.80 20.24 12.90
CA GLU A 8 -9.53 20.32 13.57
C GLU A 8 -8.91 18.94 13.62
N GLU A 9 -9.75 17.91 13.89
CA GLU A 9 -9.24 16.55 14.00
C GLU A 9 -8.66 16.09 12.69
N ILE A 10 -9.34 16.35 11.56
CA ILE A 10 -8.83 15.89 10.29
C ILE A 10 -7.60 16.66 9.93
N ALA A 11 -7.31 17.75 10.66
CA ALA A 11 -6.15 18.54 10.38
C ALA A 11 -5.03 18.08 11.28
N ALA A 12 -5.33 17.14 12.19
CA ALA A 12 -4.33 16.65 13.10
C ALA A 12 -3.61 15.52 12.42
N LEU A 13 -2.52 15.02 13.04
CA LEU A 13 -1.78 13.93 12.45
C LEU A 13 -2.44 12.64 12.84
N ASP A 14 -3.79 12.66 12.93
CA ASP A 14 -4.55 11.48 13.28
C ASP A 14 -4.41 10.51 12.15
N GLN A 15 -4.46 11.02 10.89
CA GLN A 15 -4.35 10.20 9.71
C GLN A 15 -5.37 9.08 9.78
N PRO A 16 -6.63 9.45 9.62
CA PRO A 16 -7.72 8.49 9.67
C PRO A 16 -7.80 7.66 8.43
N PHE A 17 -8.52 6.51 8.51
CA PHE A 17 -8.64 5.65 7.35
C PHE A 17 -9.50 6.32 6.33
N GLU A 18 -9.08 6.18 5.06
CA GLU A 18 -9.82 6.74 3.96
C GLU A 18 -9.98 5.63 2.97
N LYS A 19 -8.89 4.87 2.75
CA LYS A 19 -8.91 3.75 1.84
C LYS A 19 -8.15 2.65 2.51
N CYS A 20 -8.37 1.40 2.07
CA CYS A 20 -7.67 0.28 2.67
C CYS A 20 -6.96 -0.43 1.56
N PHE A 21 -5.89 -1.17 1.92
CA PHE A 21 -5.13 -1.86 0.91
C PHE A 21 -4.65 -3.16 1.49
N ILE A 22 -4.89 -4.27 0.75
CA ILE A 22 -4.44 -5.57 1.19
C ILE A 22 -3.47 -6.07 0.15
N PRO A 23 -2.20 -6.12 0.50
CA PRO A 23 -1.16 -6.57 -0.41
C PRO A 23 -1.15 -8.05 -0.64
N THR A 24 -0.64 -8.46 -1.81
CA THR A 24 -0.56 -9.86 -2.15
C THR A 24 0.83 -10.09 -2.67
N GLU A 25 1.35 -11.34 -2.52
CA GLU A 25 2.68 -11.62 -3.00
C GLU A 25 2.92 -13.10 -2.85
N ALA A 26 2.90 -13.60 -1.60
CA ALA A 26 3.15 -15.00 -1.37
C ALA A 26 1.82 -15.67 -1.19
N LEU A 27 0.99 -15.61 -2.25
CA LEU A 27 -0.32 -16.23 -2.20
C LEU A 27 -0.27 -17.47 -3.07
N GLY A 28 0.95 -17.95 -3.36
CA GLY A 28 1.09 -19.14 -4.17
C GLY A 28 0.95 -18.77 -5.61
N SER A 29 1.02 -17.46 -5.92
CA SER A 29 0.90 -16.99 -7.28
C SER A 29 -0.54 -17.08 -7.70
N ASP A 30 -1.44 -17.36 -6.74
CA ASP A 30 -2.85 -17.46 -7.03
C ASP A 30 -3.44 -16.08 -6.93
N ARG A 31 -2.59 -15.09 -6.55
CA ARG A 31 -3.05 -13.73 -6.40
C ARG A 31 -3.35 -13.16 -7.77
N GLU A 32 -2.78 -13.77 -8.84
CA GLU A 32 -3.00 -13.28 -10.18
C GLU A 32 -4.17 -14.04 -10.75
N GLY A 33 -4.80 -14.90 -9.94
CA GLY A 33 -5.93 -15.67 -10.41
C GLY A 33 -7.07 -15.33 -9.53
N LEU A 34 -7.05 -14.09 -8.99
CA LEU A 34 -8.08 -13.65 -8.11
C LEU A 34 -9.23 -13.15 -8.96
N ASP A 35 -10.40 -13.78 -8.80
CA ASP A 35 -11.56 -13.40 -9.56
C ASP A 35 -12.35 -12.47 -8.67
N ARG A 36 -12.48 -11.20 -9.09
CA ARG A 36 -13.19 -10.21 -8.32
C ARG A 36 -14.63 -10.61 -8.16
N THR A 37 -15.19 -11.24 -9.21
CA THR A 37 -16.58 -11.65 -9.18
C THR A 37 -16.79 -12.62 -8.04
N GLN A 38 -15.87 -13.59 -7.86
CA GLN A 38 -16.04 -14.56 -6.79
C GLN A 38 -15.54 -13.98 -5.50
N LEU A 39 -14.59 -13.01 -5.60
CA LEU A 39 -14.01 -12.41 -4.42
C LEU A 39 -15.06 -11.63 -3.67
N GLU A 40 -15.95 -10.90 -4.39
CA GLU A 40 -16.95 -10.10 -3.71
C GLU A 40 -17.94 -10.98 -2.99
N ARG A 41 -18.02 -12.28 -3.36
CA ARG A 41 -18.95 -13.17 -2.73
C ARG A 41 -18.19 -14.25 -1.99
N GLN A 42 -17.01 -13.89 -1.43
CA GLN A 42 -16.24 -14.86 -0.70
C GLN A 42 -16.47 -14.60 0.77
N LEU A 43 -15.55 -15.11 1.62
CA LEU A 43 -15.67 -14.93 3.05
C LEU A 43 -15.34 -13.46 3.39
N PRO A 44 -14.58 -13.05 4.45
CA PRO A 44 -14.39 -11.63 4.71
C PRO A 44 -14.13 -10.78 3.50
N PHE A 45 -15.17 -10.00 3.14
CA PHE A 45 -15.12 -9.12 1.99
C PHE A 45 -16.56 -8.82 1.71
N ARG A 46 -17.43 -9.86 1.87
CA ARG A 46 -18.85 -9.69 1.64
C ARG A 46 -19.47 -9.10 2.89
N ASN A 47 -18.68 -9.02 3.98
CA ASN A 47 -19.17 -8.51 5.24
C ASN A 47 -19.60 -7.07 5.08
N TYR A 48 -18.84 -6.28 4.30
CA TYR A 48 -19.20 -4.89 4.12
C TYR A 48 -18.99 -4.58 2.67
N PRO A 49 -19.71 -3.61 2.15
CA PRO A 49 -19.54 -3.19 0.77
C PRO A 49 -18.14 -2.74 0.55
N ILE A 50 -17.50 -3.16 -0.55
CA ILE A 50 -16.13 -2.80 -0.74
C ILE A 50 -15.83 -2.70 -2.21
N LYS A 51 -15.00 -1.69 -2.58
CA LYS A 51 -14.58 -1.52 -3.95
C LYS A 51 -13.39 -2.40 -4.09
N LEU A 52 -13.36 -3.26 -5.12
CA LEU A 52 -12.22 -4.13 -5.29
C LEU A 52 -11.61 -3.82 -6.62
N ASN A 53 -10.29 -3.60 -6.63
CA ASN A 53 -9.58 -3.32 -7.86
C ASN A 53 -8.32 -4.11 -7.79
N VAL A 54 -8.18 -5.12 -8.67
CA VAL A 54 -7.00 -5.95 -8.66
C VAL A 54 -5.88 -5.19 -9.31
N SER A 55 -4.66 -5.42 -8.81
CA SER A 55 -3.50 -4.75 -9.34
C SER A 55 -2.32 -5.60 -8.97
N LYS A 56 -1.18 -5.41 -9.66
CA LYS A 56 0.00 -6.17 -9.38
C LYS A 56 0.47 -5.88 -7.97
N SER A 57 0.35 -4.59 -7.55
CA SER A 57 0.79 -4.20 -6.22
C SER A 57 -0.06 -4.89 -5.18
N GLY A 58 -1.38 -4.98 -5.43
CA GLY A 58 -2.25 -5.61 -4.47
C GLY A 58 -3.65 -5.27 -4.86
N ILE A 59 -4.61 -5.46 -3.93
CA ILE A 59 -5.98 -5.17 -4.24
C ILE A 59 -6.37 -3.93 -3.47
N PHE A 60 -6.88 -2.91 -4.18
CA PHE A 60 -7.27 -1.69 -3.54
C PHE A 60 -8.63 -1.91 -2.97
N CYS A 61 -8.86 -1.35 -1.75
CA CYS A 61 -10.13 -1.50 -1.11
C CYS A 61 -10.63 -0.13 -0.80
N GLN A 62 -11.85 0.21 -1.30
CA GLN A 62 -12.40 1.52 -1.04
C GLN A 62 -13.73 1.33 -0.35
N PHE A 63 -14.03 2.21 0.63
CA PHE A 63 -15.28 2.11 1.35
C PHE A 63 -15.93 3.46 1.32
N PRO A 64 -17.24 3.47 1.34
CA PRO A 64 -18.01 4.71 1.32
C PRO A 64 -17.93 5.48 2.60
N THR A 65 -17.66 4.79 3.74
CA THR A 65 -17.58 5.48 5.00
C THR A 65 -16.32 5.05 5.69
N VAL A 66 -15.83 5.92 6.58
CA VAL A 66 -14.61 5.65 7.32
C VAL A 66 -14.87 4.53 8.31
N SER A 67 -16.06 4.55 8.95
CA SER A 67 -16.37 3.55 9.95
C SER A 67 -16.39 2.18 9.34
N ASP A 68 -16.94 2.04 8.11
CA ASP A 68 -16.98 0.74 7.46
C ASP A 68 -15.56 0.30 7.19
N ALA A 69 -14.71 1.25 6.76
CA ALA A 69 -13.33 0.92 6.45
C ALA A 69 -12.63 0.45 7.69
N LYS A 70 -12.88 1.12 8.84
CA LYS A 70 -12.22 0.72 10.07
C LYS A 70 -12.70 -0.63 10.51
N ARG A 71 -14.01 -0.94 10.34
CA ARG A 71 -14.50 -2.24 10.76
C ARG A 71 -13.81 -3.31 9.96
N PHE A 72 -13.67 -3.08 8.65
CA PHE A 72 -13.02 -4.05 7.78
C PHE A 72 -11.57 -4.14 8.14
N TYR A 73 -10.93 -2.98 8.39
CA TYR A 73 -9.52 -2.95 8.75
C TYR A 73 -9.28 -3.71 10.02
N GLU A 74 -10.10 -3.43 11.06
CA GLU A 74 -9.92 -4.09 12.32
C GLU A 74 -10.16 -5.55 12.15
N GLU A 75 -11.16 -5.91 11.30
CA GLU A 75 -11.40 -7.31 11.00
C GLU A 75 -10.50 -7.60 9.83
N GLY A 76 -9.22 -7.19 9.98
CA GLY A 76 -8.23 -7.32 8.93
C GLY A 76 -7.94 -8.74 8.63
N THR A 77 -8.23 -9.68 9.54
CA THR A 77 -7.94 -11.05 9.26
C THR A 77 -8.92 -11.53 8.23
N VAL A 78 -8.48 -11.56 6.95
CA VAL A 78 -9.35 -12.01 5.89
C VAL A 78 -8.74 -13.24 5.32
N GLU A 79 -9.58 -14.16 4.80
CA GLU A 79 -9.08 -15.38 4.22
C GLU A 79 -9.34 -15.23 2.76
N ILE A 80 -8.38 -14.61 2.04
CA ILE A 80 -8.57 -14.35 0.64
C ILE A 80 -8.31 -15.58 -0.19
N LEU A 81 -7.32 -16.40 0.19
CA LEU A 81 -7.01 -17.58 -0.59
C LEU A 81 -6.51 -18.63 0.35
N ASN A 82 -7.36 -19.01 1.34
CA ASN A 82 -6.99 -20.02 2.31
C ASN A 82 -5.79 -19.56 3.09
N ARG A 83 -5.58 -18.23 3.12
CA ARG A 83 -4.48 -17.68 3.86
C ARG A 83 -5.02 -16.46 4.53
N SER A 84 -4.57 -16.21 5.79
CA SER A 84 -5.04 -15.06 6.51
C SER A 84 -4.14 -13.92 6.11
N LEU A 85 -4.72 -12.84 5.56
CA LEU A 85 -3.93 -11.70 5.14
C LEU A 85 -4.40 -10.50 5.92
N PRO A 86 -3.46 -9.65 6.29
CA PRO A 86 -3.75 -8.43 7.02
C PRO A 86 -4.10 -7.27 6.12
N ILE A 87 -4.67 -6.19 6.70
CA ILE A 87 -5.03 -5.03 5.91
C ILE A 87 -4.27 -3.86 6.45
N LYS A 88 -3.67 -3.04 5.55
CA LYS A 88 -2.93 -1.89 6.01
C LYS A 88 -3.50 -0.68 5.33
N PRO A 89 -3.46 0.44 6.01
CA PRO A 89 -3.94 1.71 5.47
C PRO A 89 -3.02 2.30 4.47
N VAL A 90 -3.55 3.24 3.65
CA VAL A 90 -2.75 3.90 2.66
C VAL A 90 -2.80 5.36 2.98
N PHE A 91 -1.64 6.04 2.87
CA PHE A 91 -1.60 7.45 3.14
C PHE A 91 -0.76 8.07 2.07
N GLU A 92 -1.08 9.34 1.72
CA GLU A 92 -0.36 10.04 0.70
C GLU A 92 1.04 10.31 1.17
N LYS A 93 1.18 10.61 2.48
CA LYS A 93 2.48 10.92 3.04
C LYS A 93 3.23 9.64 3.33
N ARG A 94 3.40 8.78 2.30
CA ARG A 94 4.12 7.55 2.48
C ARG A 94 5.00 7.38 1.28
N ASN A 95 6.17 6.74 1.48
CA ASN A 95 7.09 6.53 0.39
C ASN A 95 7.74 5.19 0.63
N GLU A 96 6.92 4.13 0.67
CA GLU A 96 7.44 2.79 0.90
C GLU A 96 8.29 2.39 -0.27
N THR A 97 7.85 2.73 -1.50
CA THR A 97 8.60 2.39 -2.68
C THR A 97 8.72 3.61 -3.52
N VAL A 98 9.72 3.63 -4.42
CA VAL A 98 9.92 4.76 -5.28
C VAL A 98 10.40 4.23 -6.60
N ALA A 99 10.01 4.90 -7.70
CA ALA A 99 10.42 4.46 -9.01
C ALA A 99 11.32 5.53 -9.58
N PRO A 100 12.61 5.29 -9.55
CA PRO A 100 13.58 6.25 -10.06
C PRO A 100 13.60 6.31 -11.56
N ALA A 101 13.05 5.28 -12.23
CA ALA A 101 13.03 5.26 -13.66
C ALA A 101 11.60 5.23 -14.10
N GLU A 102 11.29 5.97 -15.17
CA GLU A 102 9.94 6.02 -15.68
C GLU A 102 10.02 5.82 -17.15
N ARG A 103 8.97 5.21 -17.75
CA ARG A 103 8.96 4.98 -19.17
C ARG A 103 8.55 6.27 -19.84
N LYS A 104 9.09 6.52 -21.04
CA LYS A 104 8.76 7.73 -21.75
C LYS A 104 8.20 7.30 -23.08
N ARG A 105 7.23 8.09 -23.60
CA ARG A 105 6.63 7.77 -24.87
C ARG A 105 7.33 8.58 -25.91
N ARG A 106 7.86 7.91 -26.96
CA ARG A 106 8.55 8.61 -28.01
C ARG A 106 7.56 8.81 -29.11
N ARG A 107 7.28 10.09 -29.46
CA ARG A 107 6.33 10.39 -30.50
C ARG A 107 7.07 10.56 -31.80
N SER A 108 8.42 10.48 -31.75
CA SER A 108 9.20 10.64 -32.95
C SER A 108 9.28 9.30 -33.63
N VAL A 109 9.14 9.31 -34.98
CA VAL A 109 9.19 8.08 -35.72
C VAL A 109 10.31 8.22 -36.71
N SER A 110 11.25 7.25 -36.71
CA SER A 110 12.37 7.31 -37.62
C SER A 110 12.18 6.21 -38.63
N PRO A 111 11.82 6.57 -39.84
CA PRO A 111 11.61 5.60 -40.90
C PRO A 111 12.90 5.05 -41.45
N GLY A 112 12.84 3.85 -42.05
CA GLY A 112 14.03 3.26 -42.61
C GLY A 112 13.60 2.11 -43.44
N GLY A 113 14.57 1.49 -44.16
CA GLY A 113 14.24 0.38 -45.00
C GLY A 113 15.50 -0.02 -45.69
N VAL A 114 15.38 -0.99 -46.63
CA VAL A 114 16.54 -1.45 -47.37
C VAL A 114 17.05 -0.31 -48.20
N HIS A 115 16.12 0.44 -48.85
CA HIS A 115 16.49 1.56 -49.69
C HIS A 115 17.37 1.08 -50.81
N PRO A 116 16.80 0.33 -51.73
CA PRO A 116 17.53 -0.21 -52.87
C PRO A 116 17.87 0.85 -53.87
N GLN A 117 18.96 0.62 -54.64
CA GLN A 117 19.35 1.58 -55.64
C GLN A 117 19.00 1.01 -56.97
N THR A 118 18.37 1.84 -57.83
CA THR A 118 17.98 1.40 -59.15
C THR A 118 18.54 2.40 -60.12
N ALA A 119 19.22 1.91 -61.17
CA ALA A 119 19.80 2.79 -62.15
C ALA A 119 19.57 2.17 -63.50
N ALA A 120 19.42 3.03 -64.52
CA ALA A 120 19.20 2.53 -65.85
C ALA A 120 19.73 3.56 -66.80
N VAL A 121 20.07 3.13 -68.03
CA VAL A 121 20.61 4.05 -69.01
C VAL A 121 19.63 4.10 -70.14
N SER A 122 19.19 5.32 -70.50
CA SER A 122 18.25 5.47 -71.59
C SER A 122 18.54 6.79 -72.24
N ALA A 123 18.44 6.83 -73.58
CA ALA A 123 18.71 8.05 -74.30
C ALA A 123 17.45 8.88 -74.32
N LEU A 124 16.30 8.24 -73.98
CA LEU A 124 15.04 8.95 -73.98
C LEU A 124 14.55 9.00 -72.58
N SER A 125 14.00 10.15 -72.16
CA SER A 125 13.49 10.29 -70.81
C SER A 125 12.09 10.81 -70.93
N ARG A 126 11.22 10.40 -69.97
CA ARG A 126 9.84 10.85 -69.99
C ARG A 126 9.80 12.33 -69.78
N ARG A 127 10.67 12.85 -68.87
CA ARG A 127 10.69 14.26 -68.61
C ARG A 127 11.88 14.86 -69.37
#